data_6FLC
#
_entry.id   6FLC
#
_cell.length_a   42.560
_cell.length_b   61.416
_cell.length_c   104.594
_cell.angle_alpha   77.54
_cell.angle_beta   81.11
_cell.angle_gamma   85.53
#
_symmetry.space_group_name_H-M   'P 1'
#
loop_
_entity.id
_entity.type
_entity.pdbx_description
1 polymer 'Light chain of 2C8 Fab'
2 polymer 'Heavy chain of 2C8 Fab'
3 polymer 'Domain III of Dengue virus 2'
4 non-polymer GLYCEROL
5 water water
#
loop_
_entity_poly.entity_id
_entity_poly.type
_entity_poly.pdbx_seq_one_letter_code
_entity_poly.pdbx_strand_id
1 'polypeptide(L)'
;DIQMTQSPASLSVSVGETVTITCRATKNIYNNLAWYQQKQGRSPQLLVYAATNLADGVPSRFSGSGSGTQFSLRINSLQS
EDFGNYYCQHFWHTPWTFGGGTKLEIKRADAAPTVSIFPPSSEQLTSGGASVVCFLNNFYPKDINVKWKIDGSERQNGVL
NSWTDQDSKDSTYSMSSTLTLTKDEYERHNSYTCEATHKTSTSPIVKSFNRNEC
;
A,L
2 'polypeptide(L)'
;EVKLVESGGGLVQPGGSLSLSCAASGFTFTDYYMTWVRQPPGKALEWLALIRNKASGYTTEYSASVKGRFTISRDNSQSI
LYLQMNALRAEDSATYYCTRAKWDGHYFDYWGQGTTLTVSSAKTTAPSVYPLAPVCGDTTGSSVTLGCLVKGYFPEPVTL
TWNSGSLSSGVHTFPAVLQSDLYTLSSSVTVTSSTWPSQSITCNVAHPASSTKVDKKIEPRGPTIKPCPPC
;
B,H
3 'polypeptide(L)'
;MSYSMCTGKFKVVKEIAETQHGTIVIRVQYEGDGSPCKIPFEIMDLEKRHVLGRLITVNPIVTEKDSPVNIEAEPPFGDS
YIIIGVEPGQLKLNWFKK
;
G,I
#
loop_
_chem_comp.id
_chem_comp.type
_chem_comp.name
_chem_comp.formula
GOL non-polymer GLYCEROL 'C3 H8 O3'
#
# COMPACT_ATOMS: atom_id res chain seq x y z
N ASP A 1 -36.14 -7.64 19.36
CA ASP A 1 -35.76 -6.30 18.91
C ASP A 1 -36.43 -5.94 17.58
N ILE A 2 -36.53 -4.63 17.29
CA ILE A 2 -37.14 -4.09 16.06
C ILE A 2 -36.04 -3.51 15.17
N GLN A 3 -36.02 -3.89 13.89
CA GLN A 3 -35.05 -3.34 12.97
C GLN A 3 -35.69 -2.30 12.03
N MET A 4 -34.94 -1.24 11.71
CA MET A 4 -35.40 -0.15 10.88
C MET A 4 -34.67 -0.18 9.54
N THR A 5 -35.44 -0.21 8.44
CA THR A 5 -34.89 -0.20 7.08
C THR A 5 -35.32 1.05 6.34
N GLN A 6 -34.36 1.73 5.72
CA GLN A 6 -34.63 2.94 4.94
C GLN A 6 -34.44 2.71 3.43
N SER A 7 -35.23 3.42 2.61
CA SER A 7 -35.17 3.35 1.16
C SER A 7 -35.41 4.74 0.55
N PRO A 8 -34.67 5.09 -0.52
CA PRO A 8 -33.54 4.36 -1.12
C PRO A 8 -32.26 4.62 -0.30
N ALA A 9 -31.17 3.90 -0.57
CA ALA A 9 -29.92 4.13 0.16
C ALA A 9 -29.35 5.51 -0.19
N SER A 10 -29.57 5.95 -1.44
CA SER A 10 -29.10 7.21 -1.98
C SER A 10 -30.04 7.68 -3.06
N LEU A 11 -30.10 9.01 -3.28
CA LEU A 11 -30.91 9.62 -4.34
C LEU A 11 -30.44 11.03 -4.64
N SER A 12 -30.51 11.42 -5.89
CA SER A 12 -30.16 12.76 -6.27
C SER A 12 -31.37 13.49 -6.81
N VAL A 13 -31.67 14.63 -6.22
CA VAL A 13 -32.87 15.32 -6.52
C VAL A 13 -32.52 16.77 -6.75
N SER A 14 -33.22 17.41 -7.65
CA SER A 14 -32.96 18.77 -8.03
C SER A 14 -33.55 19.73 -7.06
N VAL A 15 -33.00 20.92 -7.01
CA VAL A 15 -33.54 22.01 -6.17
C VAL A 15 -34.92 22.40 -6.72
N GLY A 16 -35.91 22.47 -5.85
CA GLY A 16 -37.28 22.83 -6.22
C GLY A 16 -38.20 21.64 -6.36
N GLU A 17 -37.63 20.43 -6.54
CA GLU A 17 -38.44 19.22 -6.66
C GLU A 17 -38.87 18.75 -5.27
N THR A 18 -39.86 17.88 -5.24
CA THR A 18 -40.39 17.28 -4.01
C THR A 18 -39.81 15.87 -3.91
N VAL A 19 -39.39 15.50 -2.72
CA VAL A 19 -38.81 14.18 -2.47
C VAL A 19 -39.50 13.49 -1.30
N THR A 20 -39.68 12.18 -1.41
CA THR A 20 -40.24 11.32 -0.38
C THR A 20 -39.27 10.18 -0.14
N ILE A 21 -38.89 9.98 1.12
CA ILE A 21 -38.00 8.90 1.53
C ILE A 21 -38.77 8.06 2.54
N THR A 22 -38.48 6.76 2.58
CA THR A 22 -39.26 5.89 3.46
C THR A 22 -38.45 5.14 4.49
N CYS A 23 -39.13 4.75 5.55
CA CYS A 23 -38.59 4.00 6.68
C CYS A 23 -39.59 2.88 6.98
N ARG A 24 -39.09 1.68 7.25
CA ARG A 24 -39.91 0.52 7.56
C ARG A 24 -39.44 -0.12 8.85
N ALA A 25 -40.37 -0.44 9.76
CA ALA A 25 -40.07 -1.12 11.03
C ALA A 25 -40.45 -2.60 10.88
N THR A 26 -39.69 -3.52 11.53
CA THR A 26 -39.99 -4.96 11.44
C THR A 26 -41.24 -5.34 12.23
N LYS A 27 -41.67 -4.47 13.16
CA LYS A 27 -42.82 -4.68 14.04
C LYS A 27 -43.58 -3.36 14.21
N ASN A 28 -44.86 -3.43 14.61
CA ASN A 28 -45.72 -2.26 14.84
C ASN A 28 -45.14 -1.36 15.97
N ILE A 29 -44.93 -0.06 15.65
CA ILE A 29 -44.40 0.93 16.59
C ILE A 29 -45.36 2.12 16.74
N TYR A 30 -46.59 1.98 16.17
CA TYR A 30 -47.61 3.03 16.11
C TYR A 30 -46.95 4.28 15.52
N ASN A 31 -46.88 5.41 16.23
CA ASN A 31 -46.22 6.59 15.68
C ASN A 31 -44.94 6.98 16.45
N ASN A 32 -44.35 6.04 17.22
CA ASN A 32 -43.13 6.28 18.02
C ASN A 32 -41.92 6.26 17.08
N LEU A 33 -41.79 7.32 16.28
CA LEU A 33 -40.78 7.40 15.24
C LEU A 33 -40.24 8.81 15.08
N ALA A 34 -38.92 8.92 14.91
CA ALA A 34 -38.27 10.19 14.71
C ALA A 34 -37.47 10.17 13.40
N TRP A 35 -37.32 11.34 12.79
CA TRP A 35 -36.50 11.55 11.61
C TRP A 35 -35.42 12.56 12.00
N TYR A 36 -34.18 12.31 11.59
CA TYR A 36 -33.04 13.17 11.85
C TYR A 36 -32.34 13.52 10.57
N GLN A 37 -31.72 14.70 10.54
CA GLN A 37 -30.91 15.14 9.41
C GLN A 37 -29.48 15.27 9.89
N GLN A 38 -28.53 14.83 9.07
CA GLN A 38 -27.11 14.98 9.38
C GLN A 38 -26.38 15.47 8.15
N LYS A 39 -25.81 16.67 8.26
CA LYS A 39 -25.04 17.28 7.18
C LYS A 39 -23.57 16.96 7.37
N GLN A 40 -22.82 16.99 6.26
CA GLN A 40 -21.37 16.72 6.17
C GLN A 40 -20.61 17.33 7.34
N GLY A 41 -19.97 16.47 8.14
CA GLY A 41 -19.14 16.83 9.28
C GLY A 41 -19.82 17.50 10.47
N ARG A 42 -21.15 17.32 10.59
CA ARG A 42 -21.92 17.93 11.67
C ARG A 42 -22.76 16.93 12.48
N SER A 43 -23.29 17.39 13.61
CA SER A 43 -24.13 16.58 14.48
C SER A 43 -25.49 16.34 13.85
N PRO A 44 -26.12 15.17 14.12
CA PRO A 44 -27.49 14.97 13.65
C PRO A 44 -28.41 16.00 14.31
N GLN A 45 -29.53 16.32 13.65
CA GLN A 45 -30.52 17.25 14.18
C GLN A 45 -31.90 16.62 14.01
N LEU A 46 -32.76 16.78 15.01
CA LEU A 46 -34.13 16.28 15.02
C LEU A 46 -34.96 17.06 14.00
N LEU A 47 -35.68 16.35 13.11
CA LEU A 47 -36.55 17.00 12.13
C LEU A 47 -38.00 16.78 12.50
N VAL A 48 -38.36 15.50 12.71
CA VAL A 48 -39.73 15.05 12.98
C VAL A 48 -39.76 14.10 14.16
N TYR A 49 -40.77 14.24 15.03
CA TYR A 49 -40.95 13.37 16.18
C TYR A 49 -42.40 12.95 16.27
N ALA A 50 -42.68 11.76 16.84
CA ALA A 50 -44.02 11.17 16.95
C ALA A 50 -44.64 11.03 15.54
N ALA A 51 -43.76 10.68 14.56
CA ALA A 51 -44.04 10.46 13.14
C ALA A 51 -44.41 11.68 12.30
N THR A 52 -45.11 12.68 12.89
CA THR A 52 -45.66 13.84 12.15
C THR A 52 -45.33 15.25 12.70
N ASN A 53 -44.86 15.37 13.96
CA ASN A 53 -44.56 16.70 14.54
C ASN A 53 -43.25 17.27 14.05
N LEU A 54 -43.23 18.54 13.63
CA LEU A 54 -42.00 19.20 13.19
C LEU A 54 -41.26 19.71 14.42
N ALA A 55 -39.95 19.44 14.51
CA ALA A 55 -39.11 19.91 15.61
C ALA A 55 -38.91 21.44 15.49
N ASP A 56 -38.52 22.08 16.61
CA ASP A 56 -38.28 23.51 16.68
C ASP A 56 -37.26 24.00 15.62
N GLY A 57 -37.66 24.99 14.84
CA GLY A 57 -36.85 25.60 13.80
C GLY A 57 -36.81 24.88 12.47
N VAL A 58 -37.50 23.73 12.35
CA VAL A 58 -37.53 22.94 11.11
C VAL A 58 -38.51 23.61 10.11
N PRO A 59 -38.09 23.89 8.85
CA PRO A 59 -39.01 24.49 7.88
C PRO A 59 -40.26 23.64 7.61
N SER A 60 -41.39 24.31 7.37
CA SER A 60 -42.68 23.65 7.11
C SER A 60 -42.74 22.87 5.79
N ARG A 61 -41.68 22.97 4.96
CA ARG A 61 -41.57 22.21 3.71
C ARG A 61 -41.32 20.71 4.02
N PHE A 62 -40.88 20.41 5.26
CA PHE A 62 -40.68 19.04 5.74
C PHE A 62 -42.01 18.54 6.29
N SER A 63 -42.32 17.25 6.02
CA SER A 63 -43.51 16.60 6.57
C SER A 63 -43.28 15.12 6.73
N GLY A 64 -43.67 14.61 7.88
CA GLY A 64 -43.56 13.19 8.20
C GLY A 64 -44.94 12.56 8.16
N SER A 65 -45.02 11.30 7.73
CA SER A 65 -46.29 10.56 7.64
C SER A 65 -46.10 9.13 8.05
N GLY A 66 -47.20 8.49 8.44
CA GLY A 66 -47.21 7.08 8.77
C GLY A 66 -47.48 6.72 10.21
N SER A 67 -47.93 5.49 10.39
CA SER A 67 -48.23 4.87 11.68
C SER A 67 -48.19 3.37 11.47
N GLY A 68 -47.57 2.67 12.41
CA GLY A 68 -47.47 1.21 12.35
C GLY A 68 -46.09 0.72 11.98
N THR A 69 -45.91 0.35 10.70
CA THR A 69 -44.63 -0.16 10.20
C THR A 69 -44.05 0.66 9.04
N GLN A 70 -44.87 1.50 8.39
CA GLN A 70 -44.45 2.26 7.20
C GLN A 70 -44.54 3.74 7.43
N PHE A 71 -43.40 4.41 7.24
CA PHE A 71 -43.23 5.85 7.49
C PHE A 71 -42.60 6.53 6.31
N SER A 72 -42.93 7.81 6.12
CA SER A 72 -42.42 8.63 5.03
C SER A 72 -41.99 10.00 5.48
N LEU A 73 -40.90 10.49 4.89
CA LEU A 73 -40.44 11.86 5.10
C LEU A 73 -40.50 12.55 3.76
N ARG A 74 -41.31 13.61 3.67
CA ARG A 74 -41.48 14.38 2.46
C ARG A 74 -40.88 15.77 2.60
N ILE A 75 -40.10 16.18 1.59
CA ILE A 75 -39.53 17.51 1.53
C ILE A 75 -40.14 18.18 0.27
N ASN A 76 -40.97 19.20 0.48
CA ASN A 76 -41.66 19.96 -0.56
C ASN A 76 -40.71 21.07 -1.03
N SER A 77 -40.54 21.25 -2.37
CA SER A 77 -39.68 22.28 -2.97
C SER A 77 -38.35 22.41 -2.22
N LEU A 78 -37.58 21.33 -2.26
CA LEU A 78 -36.34 21.17 -1.56
C LEU A 78 -35.26 22.17 -1.92
N GLN A 79 -34.46 22.59 -0.91
CA GLN A 79 -33.42 23.61 -1.05
C GLN A 79 -32.04 23.02 -0.83
N SER A 80 -30.98 23.75 -1.24
CA SER A 80 -29.57 23.33 -1.14
C SER A 80 -29.15 22.92 0.27
N GLU A 81 -29.68 23.59 1.30
CA GLU A 81 -29.43 23.30 2.72
C GLU A 81 -30.07 21.95 3.19
N ASP A 82 -30.97 21.35 2.39
CA ASP A 82 -31.64 20.09 2.75
C ASP A 82 -30.84 18.85 2.34
N PHE A 83 -29.72 19.06 1.66
CA PHE A 83 -28.97 17.91 1.20
C PHE A 83 -28.06 17.41 2.28
N GLY A 84 -28.04 16.09 2.43
CA GLY A 84 -27.28 15.40 3.46
C GLY A 84 -27.85 14.03 3.78
N ASN A 85 -27.58 13.53 4.99
CA ASN A 85 -28.05 12.22 5.43
C ASN A 85 -29.29 12.31 6.28
N TYR A 86 -30.18 11.33 6.11
CA TYR A 86 -31.45 11.25 6.81
C TYR A 86 -31.60 9.91 7.48
N TYR A 87 -31.89 9.92 8.78
CA TYR A 87 -32.04 8.71 9.59
C TYR A 87 -33.41 8.68 10.26
N CYS A 88 -34.00 7.49 10.36
CA CYS A 88 -35.22 7.29 11.12
C CYS A 88 -34.81 6.50 12.38
N GLN A 89 -35.59 6.60 13.47
CA GLN A 89 -35.31 5.90 14.72
C GLN A 89 -36.61 5.58 15.41
N HIS A 90 -36.76 4.34 15.91
CA HIS A 90 -37.98 4.01 16.64
C HIS A 90 -37.83 4.31 18.13
N PHE A 91 -38.98 4.56 18.79
CA PHE A 91 -39.04 4.79 20.22
C PHE A 91 -40.05 3.86 20.89
N TRP A 92 -39.93 2.57 20.55
CA TRP A 92 -40.72 1.53 21.18
C TRP A 92 -39.91 1.06 22.40
N HIS A 93 -39.70 -0.25 22.60
CA HIS A 93 -38.86 -0.67 23.71
C HIS A 93 -37.41 -0.59 23.29
N THR A 94 -36.49 -0.33 24.24
CA THR A 94 -35.04 -0.30 24.00
C THR A 94 -34.59 -1.68 23.47
N PRO A 95 -33.60 -1.77 22.53
CA PRO A 95 -32.81 -0.67 21.94
C PRO A 95 -33.58 0.17 20.93
N TRP A 96 -33.37 1.48 20.97
CA TRP A 96 -34.01 2.42 20.06
C TRP A 96 -33.16 2.51 18.82
N THR A 97 -33.39 1.56 17.91
CA THR A 97 -32.59 1.41 16.71
C THR A 97 -32.85 2.42 15.61
N PHE A 98 -31.77 2.80 14.94
CA PHE A 98 -31.80 3.73 13.82
C PHE A 98 -31.84 2.93 12.52
N GLY A 99 -32.36 3.55 11.47
CA GLY A 99 -32.30 2.98 10.13
C GLY A 99 -30.88 3.15 9.62
N GLY A 100 -30.55 2.50 8.51
CA GLY A 100 -29.21 2.60 7.92
C GLY A 100 -28.90 3.94 7.27
N GLY A 101 -29.93 4.78 7.07
CA GLY A 101 -29.82 6.09 6.46
C GLY A 101 -30.11 6.15 4.97
N THR A 102 -30.48 7.36 4.51
CA THR A 102 -30.72 7.69 3.11
C THR A 102 -29.87 8.94 2.86
N LYS A 103 -29.01 8.91 1.81
CA LYS A 103 -28.19 10.08 1.45
C LYS A 103 -28.90 10.87 0.35
N LEU A 104 -29.27 12.12 0.67
CA LEU A 104 -29.96 12.97 -0.27
C LEU A 104 -28.93 13.85 -0.93
N GLU A 105 -28.76 13.69 -2.25
CA GLU A 105 -27.80 14.51 -2.97
C GLU A 105 -28.45 15.42 -4.00
N ILE A 106 -27.74 16.49 -4.38
CA ILE A 106 -28.25 17.48 -5.32
C ILE A 106 -28.01 17.03 -6.74
N LYS A 107 -29.08 17.03 -7.53
CA LYS A 107 -29.01 16.77 -8.95
C LYS A 107 -28.76 18.14 -9.59
N ARG A 108 -27.81 18.20 -10.52
CA ARG A 108 -27.46 19.43 -11.21
C ARG A 108 -27.04 19.06 -12.62
N ALA A 109 -26.74 20.07 -13.47
CA ALA A 109 -26.31 19.85 -14.85
C ALA A 109 -24.93 19.18 -14.87
N ASP A 110 -24.63 18.49 -15.97
CA ASP A 110 -23.36 17.81 -16.16
C ASP A 110 -22.20 18.79 -16.17
N ALA A 111 -21.04 18.35 -15.65
CA ALA A 111 -19.81 19.12 -15.61
C ALA A 111 -18.67 18.15 -15.80
N ALA A 112 -17.82 18.40 -16.81
CA ALA A 112 -16.67 17.54 -17.11
C ALA A 112 -15.58 17.80 -16.07
N PRO A 113 -14.80 16.78 -15.64
CA PRO A 113 -13.75 17.06 -14.65
C PRO A 113 -12.57 17.88 -15.14
N THR A 114 -11.94 18.62 -14.21
CA THR A 114 -10.71 19.36 -14.45
C THR A 114 -9.62 18.40 -13.91
N VAL A 115 -8.87 17.79 -14.83
CA VAL A 115 -7.86 16.78 -14.52
C VAL A 115 -6.44 17.38 -14.42
N SER A 116 -5.72 17.08 -13.30
CA SER A 116 -4.35 17.55 -13.04
C SER A 116 -3.50 16.40 -12.54
N ILE A 117 -2.33 16.19 -13.17
CA ILE A 117 -1.38 15.12 -12.82
C ILE A 117 -0.12 15.70 -12.15
N PHE A 118 0.37 15.02 -11.11
CA PHE A 118 1.52 15.47 -10.37
C PHE A 118 2.55 14.37 -10.18
N PRO A 119 3.79 14.60 -10.63
CA PRO A 119 4.86 13.61 -10.38
C PRO A 119 5.20 13.56 -8.89
N PRO A 120 5.78 12.46 -8.36
CA PRO A 120 6.18 12.49 -6.94
C PRO A 120 7.16 13.63 -6.66
N SER A 121 7.09 14.14 -5.43
CA SER A 121 7.99 15.16 -4.95
C SER A 121 9.35 14.47 -4.77
N SER A 122 10.46 15.16 -5.09
CA SER A 122 11.79 14.55 -4.89
C SER A 122 12.05 14.27 -3.40
N GLU A 123 11.38 15.02 -2.51
CA GLU A 123 11.47 14.84 -1.05
C GLU A 123 10.94 13.47 -0.65
N GLN A 124 9.84 13.03 -1.29
CA GLN A 124 9.26 11.72 -1.04
C GLN A 124 10.19 10.60 -1.50
N LEU A 125 10.85 10.77 -2.67
CA LEU A 125 11.74 9.76 -3.25
C LEU A 125 12.83 9.27 -2.29
N THR A 126 13.32 10.17 -1.42
CA THR A 126 14.34 9.90 -0.39
C THR A 126 13.87 8.78 0.58
N SER A 127 12.53 8.69 0.83
CA SER A 127 11.91 7.68 1.70
C SER A 127 11.81 6.28 1.04
N GLY A 128 12.04 6.19 -0.26
CA GLY A 128 11.97 4.95 -1.02
C GLY A 128 10.63 4.71 -1.67
N GLY A 129 9.71 5.65 -1.48
CA GLY A 129 8.36 5.62 -2.03
C GLY A 129 8.13 6.73 -3.04
N ALA A 130 7.19 6.52 -3.97
CA ALA A 130 6.85 7.49 -5.00
C ALA A 130 5.36 7.46 -5.26
N SER A 131 4.68 8.56 -4.90
CA SER A 131 3.24 8.69 -5.10
C SER A 131 2.98 9.63 -6.28
N VAL A 132 2.28 9.12 -7.31
CA VAL A 132 1.90 9.93 -8.46
C VAL A 132 0.44 10.30 -8.16
N VAL A 133 0.13 11.60 -8.15
CA VAL A 133 -1.22 12.08 -7.80
C VAL A 133 -1.96 12.64 -9.01
N CYS A 134 -3.25 12.29 -9.12
CA CYS A 134 -4.12 12.79 -10.17
C CYS A 134 -5.39 13.33 -9.52
N PHE A 135 -5.66 14.63 -9.70
CA PHE A 135 -6.86 15.28 -9.19
C PHE A 135 -7.85 15.43 -10.35
N LEU A 136 -9.09 15.02 -10.10
CA LEU A 136 -10.20 15.09 -11.06
C LEU A 136 -11.22 15.94 -10.35
N ASN A 137 -11.20 17.22 -10.64
CA ASN A 137 -12.00 18.20 -9.92
C ASN A 137 -13.25 18.73 -10.59
N ASN A 138 -14.25 19.08 -9.76
CA ASN A 138 -15.51 19.73 -10.11
C ASN A 138 -16.32 19.07 -11.24
N PHE A 139 -16.61 17.76 -11.08
CA PHE A 139 -17.38 17.03 -12.07
C PHE A 139 -18.77 16.64 -11.55
N TYR A 140 -19.67 16.36 -12.48
CA TYR A 140 -21.03 15.90 -12.21
C TYR A 140 -21.56 15.12 -13.43
N PRO A 141 -22.18 13.92 -13.30
CA PRO A 141 -22.48 13.15 -12.06
C PRO A 141 -21.27 12.57 -11.32
N LYS A 142 -21.51 12.03 -10.10
CA LYS A 142 -20.48 11.48 -9.22
C LYS A 142 -19.72 10.26 -9.80
N ASP A 143 -20.37 9.49 -10.67
CA ASP A 143 -19.78 8.31 -11.32
C ASP A 143 -18.62 8.69 -12.25
N ILE A 144 -17.46 8.09 -12.03
CA ILE A 144 -16.24 8.35 -12.80
C ILE A 144 -15.31 7.14 -12.70
N ASN A 145 -14.48 6.93 -13.73
CA ASN A 145 -13.50 5.85 -13.73
C ASN A 145 -12.13 6.38 -14.08
N VAL A 146 -11.13 6.02 -13.29
CA VAL A 146 -9.76 6.44 -13.49
C VAL A 146 -8.92 5.24 -13.87
N LYS A 147 -8.07 5.42 -14.87
CA LYS A 147 -7.18 4.41 -15.37
C LYS A 147 -5.76 4.96 -15.33
N TRP A 148 -4.84 4.24 -14.69
CA TRP A 148 -3.44 4.63 -14.61
C TRP A 148 -2.66 3.86 -15.66
N LYS A 149 -1.80 4.57 -16.40
CA LYS A 149 -0.96 3.95 -17.42
C LYS A 149 0.49 4.34 -17.21
N ILE A 150 1.37 3.34 -17.24
CA ILE A 150 2.82 3.54 -17.14
C ILE A 150 3.41 2.93 -18.41
N ASP A 151 4.03 3.79 -19.26
CA ASP A 151 4.63 3.42 -20.54
C ASP A 151 3.64 2.70 -21.48
N GLY A 152 2.41 3.21 -21.50
CA GLY A 152 1.32 2.68 -22.31
C GLY A 152 0.49 1.56 -21.72
N SER A 153 1.01 0.87 -20.68
CA SER A 153 0.30 -0.25 -20.05
C SER A 153 -0.47 0.10 -18.78
N GLU A 154 -1.71 -0.40 -18.66
CA GLU A 154 -2.57 -0.18 -17.50
C GLU A 154 -1.95 -0.72 -16.21
N ARG A 155 -2.07 0.05 -15.11
CA ARG A 155 -1.60 -0.30 -13.78
C ARG A 155 -2.82 -0.31 -12.85
N GLN A 156 -2.99 -1.39 -12.07
CA GLN A 156 -4.11 -1.53 -11.15
C GLN A 156 -3.73 -1.59 -9.68
N ASN A 157 -2.57 -2.21 -9.36
CA ASN A 157 -2.13 -2.27 -7.96
C ASN A 157 -1.40 -1.01 -7.56
N GLY A 158 -1.51 -0.63 -6.28
CA GLY A 158 -0.91 0.57 -5.72
C GLY A 158 -1.76 1.81 -5.92
N VAL A 159 -3.03 1.64 -6.36
CA VAL A 159 -3.95 2.75 -6.57
C VAL A 159 -4.86 2.99 -5.37
N LEU A 160 -4.78 4.21 -4.79
CA LEU A 160 -5.64 4.63 -3.69
C LEU A 160 -6.43 5.85 -4.11
N ASN A 161 -7.76 5.73 -4.02
CA ASN A 161 -8.70 6.77 -4.41
C ASN A 161 -9.44 7.34 -3.22
N SER A 162 -9.74 8.63 -3.29
CA SER A 162 -10.50 9.36 -2.27
C SER A 162 -11.45 10.31 -2.98
N TRP A 163 -12.71 10.36 -2.52
CA TRP A 163 -13.76 11.21 -3.10
C TRP A 163 -14.25 12.22 -2.09
N THR A 164 -14.40 13.49 -2.49
CA THR A 164 -14.97 14.50 -1.60
C THR A 164 -16.48 14.30 -1.57
N ASP A 165 -17.16 14.87 -0.57
CA ASP A 165 -18.61 14.88 -0.53
C ASP A 165 -19.02 15.99 -1.52
N GLN A 166 -20.28 16.01 -1.91
CA GLN A 166 -20.79 16.99 -2.85
C GLN A 166 -20.45 18.43 -2.38
N ASP A 167 -19.85 19.24 -3.27
CA ASP A 167 -19.41 20.61 -3.00
C ASP A 167 -20.58 21.51 -2.61
N SER A 168 -20.39 22.29 -1.52
CA SER A 168 -21.38 23.19 -0.96
C SER A 168 -21.74 24.40 -1.85
N LYS A 169 -20.81 24.84 -2.71
CA LYS A 169 -21.00 25.98 -3.60
C LYS A 169 -21.59 25.61 -4.97
N ASP A 170 -20.96 24.66 -5.69
CA ASP A 170 -21.40 24.30 -7.04
C ASP A 170 -22.06 22.92 -7.24
N SER A 171 -22.23 22.13 -6.13
CA SER A 171 -22.83 20.78 -6.15
C SER A 171 -22.09 19.72 -6.98
N THR A 172 -20.82 19.98 -7.29
CA THR A 172 -20.00 19.04 -8.04
C THR A 172 -19.23 18.14 -7.07
N TYR A 173 -18.52 17.15 -7.62
CA TYR A 173 -17.70 16.19 -6.90
C TYR A 173 -16.30 16.32 -7.41
N SER A 174 -15.34 15.90 -6.59
CA SER A 174 -13.94 15.90 -6.91
C SER A 174 -13.37 14.56 -6.43
N MET A 175 -12.28 14.13 -7.04
CA MET A 175 -11.68 12.85 -6.74
C MET A 175 -10.17 12.96 -6.81
N SER A 176 -9.49 12.30 -5.86
CA SER A 176 -8.04 12.24 -5.84
C SER A 176 -7.68 10.79 -6.06
N SER A 177 -6.79 10.52 -7.00
CA SER A 177 -6.30 9.17 -7.30
C SER A 177 -4.79 9.18 -7.17
N THR A 178 -4.26 8.29 -6.33
CA THR A 178 -2.82 8.19 -6.08
C THR A 178 -2.29 6.81 -6.47
N LEU A 179 -1.24 6.81 -7.29
CA LEU A 179 -0.55 5.60 -7.68
C LEU A 179 0.74 5.57 -6.88
N THR A 180 0.86 4.64 -5.92
CA THR A 180 2.08 4.53 -5.11
C THR A 180 2.93 3.35 -5.57
N LEU A 181 4.21 3.64 -5.85
CA LEU A 181 5.21 2.69 -6.30
C LEU A 181 6.45 2.90 -5.44
N THR A 182 7.45 2.04 -5.62
CA THR A 182 8.73 2.20 -4.95
C THR A 182 9.52 3.20 -5.82
N LYS A 183 10.53 3.85 -5.24
CA LYS A 183 11.39 4.78 -5.95
C LYS A 183 12.04 4.08 -7.17
N ASP A 184 12.59 2.84 -6.98
CA ASP A 184 13.27 2.09 -8.04
C ASP A 184 12.35 1.78 -9.20
N GLU A 185 11.08 1.46 -8.93
CA GLU A 185 10.08 1.16 -9.95
C GLU A 185 9.73 2.42 -10.72
N TYR A 186 9.53 3.53 -9.99
CA TYR A 186 9.22 4.84 -10.56
C TYR A 186 10.32 5.29 -11.52
N GLU A 187 11.59 5.06 -11.13
CA GLU A 187 12.78 5.45 -11.91
C GLU A 187 13.11 4.49 -13.04
N ARG A 188 12.38 3.35 -13.12
CA ARG A 188 12.52 2.32 -14.14
C ARG A 188 11.63 2.66 -15.35
N HIS A 189 10.71 3.63 -15.19
CA HIS A 189 9.78 3.98 -16.26
C HIS A 189 9.82 5.47 -16.62
N ASN A 190 9.18 5.83 -17.75
CA ASN A 190 9.23 7.21 -18.23
C ASN A 190 7.89 7.92 -18.36
N SER A 191 6.90 7.30 -19.02
CA SER A 191 5.59 7.92 -19.21
C SER A 191 4.58 7.55 -18.14
N TYR A 192 3.95 8.56 -17.52
CA TYR A 192 2.94 8.38 -16.47
C TYR A 192 1.66 9.08 -16.88
N THR A 193 0.57 8.31 -16.96
CA THR A 193 -0.71 8.80 -17.44
C THR A 193 -1.87 8.47 -16.52
N CYS A 194 -2.76 9.45 -16.31
CA CYS A 194 -4.01 9.30 -15.59
C CYS A 194 -5.15 9.62 -16.57
N GLU A 195 -5.99 8.62 -16.84
CA GLU A 195 -7.09 8.68 -17.80
C GLU A 195 -8.44 8.64 -17.10
N ALA A 196 -9.24 9.68 -17.31
CA ALA A 196 -10.55 9.85 -16.72
C ALA A 196 -11.70 9.57 -17.69
N THR A 197 -12.55 8.59 -17.36
CA THR A 197 -13.73 8.27 -18.16
C THR A 197 -14.95 8.76 -17.36
N HIS A 198 -15.73 9.65 -17.98
CA HIS A 198 -16.91 10.28 -17.37
C HIS A 198 -18.03 10.45 -18.42
N LYS A 199 -19.30 10.55 -17.96
CA LYS A 199 -20.52 10.72 -18.76
C LYS A 199 -20.43 11.86 -19.80
N THR A 200 -19.77 12.98 -19.43
CA THR A 200 -19.58 14.19 -20.25
C THR A 200 -18.90 14.01 -21.61
N SER A 201 -18.17 12.89 -21.81
CA SER A 201 -17.49 12.60 -23.07
C SER A 201 -17.33 11.11 -23.33
N THR A 202 -17.39 10.74 -24.62
CA THR A 202 -17.21 9.36 -25.09
C THR A 202 -15.71 9.04 -24.96
N SER A 203 -14.86 10.05 -25.23
CA SER A 203 -13.41 9.98 -25.14
C SER A 203 -12.92 10.28 -23.73
N PRO A 204 -11.95 9.50 -23.21
CA PRO A 204 -11.43 9.81 -21.86
C PRO A 204 -10.52 11.03 -21.84
N ILE A 205 -10.50 11.77 -20.71
CA ILE A 205 -9.62 12.93 -20.52
C ILE A 205 -8.26 12.38 -20.08
N VAL A 206 -7.22 12.69 -20.88
CA VAL A 206 -5.86 12.18 -20.68
C VAL A 206 -4.89 13.26 -20.20
N LYS A 207 -4.30 13.05 -19.01
CA LYS A 207 -3.26 13.92 -18.45
C LYS A 207 -2.04 13.06 -18.22
N SER A 208 -0.93 13.47 -18.81
CA SER A 208 0.30 12.70 -18.78
C SER A 208 1.53 13.55 -18.54
N PHE A 209 2.65 12.89 -18.19
CA PHE A 209 3.96 13.49 -18.00
C PHE A 209 5.05 12.47 -18.25
N ASN A 210 6.22 12.95 -18.67
CA ASN A 210 7.39 12.12 -18.87
C ASN A 210 8.43 12.52 -17.84
N ARG A 211 9.11 11.53 -17.21
CA ARG A 211 10.14 11.76 -16.19
C ARG A 211 11.29 12.63 -16.70
N GLU B 1 -30.29 28.76 23.88
CA GLU B 1 -30.04 28.49 25.29
C GLU B 1 -29.50 27.08 25.58
N VAL B 2 -30.17 26.03 25.04
CA VAL B 2 -29.77 24.63 25.26
C VAL B 2 -28.46 24.33 24.54
N LYS B 3 -27.44 23.90 25.32
CA LYS B 3 -26.11 23.57 24.82
C LYS B 3 -25.56 22.32 25.52
N LEU B 4 -24.98 21.44 24.72
CA LEU B 4 -24.35 20.19 25.13
C LEU B 4 -22.97 20.18 24.53
N VAL B 5 -21.93 20.04 25.36
CA VAL B 5 -20.54 20.03 24.89
C VAL B 5 -19.84 18.76 25.40
N GLU B 6 -19.49 17.83 24.50
CA GLU B 6 -18.76 16.62 24.89
C GLU B 6 -17.26 16.91 24.93
N SER B 7 -16.53 16.11 25.72
CA SER B 7 -15.07 16.15 25.83
C SER B 7 -14.58 14.79 26.30
N GLY B 8 -13.27 14.57 26.18
CA GLY B 8 -12.65 13.33 26.64
C GLY B 8 -12.19 12.39 25.55
N GLY B 9 -12.63 12.61 24.32
CA GLY B 9 -12.25 11.78 23.19
C GLY B 9 -10.75 11.79 22.93
N GLY B 10 -10.24 10.68 22.44
CA GLY B 10 -8.83 10.54 22.15
C GLY B 10 -8.43 9.16 21.67
N LEU B 11 -7.11 8.87 21.76
CA LEU B 11 -6.52 7.61 21.37
C LEU B 11 -6.36 6.67 22.59
N VAL B 12 -6.93 5.46 22.48
CA VAL B 12 -6.87 4.44 23.54
C VAL B 12 -6.38 3.13 22.95
N GLN B 13 -5.57 2.41 23.70
CA GLN B 13 -5.07 1.10 23.28
C GLN B 13 -6.22 0.09 23.51
N PRO B 14 -6.34 -0.98 22.68
CA PRO B 14 -7.39 -1.98 22.93
C PRO B 14 -7.32 -2.56 24.36
N GLY B 15 -8.48 -2.71 25.02
CA GLY B 15 -8.56 -3.19 26.38
C GLY B 15 -8.49 -2.09 27.42
N GLY B 16 -8.17 -0.89 26.96
CA GLY B 16 -8.05 0.30 27.79
C GLY B 16 -9.38 0.89 28.22
N SER B 17 -9.29 1.91 29.06
CA SER B 17 -10.43 2.65 29.60
C SER B 17 -10.35 4.12 29.23
N LEU B 18 -11.52 4.76 29.12
CA LEU B 18 -11.64 6.18 28.82
C LEU B 18 -12.99 6.67 29.33
N SER B 19 -13.00 7.89 29.84
CA SER B 19 -14.21 8.49 30.34
C SER B 19 -14.54 9.75 29.52
N LEU B 20 -15.79 9.81 29.01
CA LEU B 20 -16.24 10.97 28.26
C LEU B 20 -17.17 11.77 29.15
N SER B 21 -17.18 13.07 28.97
CA SER B 21 -18.07 13.92 29.73
C SER B 21 -18.88 14.78 28.77
N CYS B 22 -20.03 15.25 29.24
CA CYS B 22 -20.90 16.11 28.46
C CYS B 22 -21.46 17.21 29.36
N ALA B 23 -20.97 18.44 29.18
CA ALA B 23 -21.41 19.59 29.96
C ALA B 23 -22.72 20.14 29.38
N ALA B 24 -23.79 20.11 30.19
CA ALA B 24 -25.11 20.57 29.77
C ALA B 24 -25.49 21.89 30.43
N SER B 25 -26.16 22.75 29.67
CA SER B 25 -26.65 24.05 30.13
C SER B 25 -27.91 24.47 29.34
N GLY B 26 -28.63 25.47 29.86
CA GLY B 26 -29.81 26.01 29.20
C GLY B 26 -31.14 25.30 29.44
N PHE B 27 -31.16 24.35 30.38
CA PHE B 27 -32.39 23.61 30.74
C PHE B 27 -32.26 23.01 32.14
N THR B 28 -33.38 22.52 32.71
CA THR B 28 -33.35 21.87 34.01
C THR B 28 -32.92 20.43 33.78
N PHE B 29 -31.61 20.19 33.97
CA PHE B 29 -30.93 18.91 33.76
C PHE B 29 -31.66 17.70 34.31
N THR B 30 -32.01 17.73 35.61
CA THR B 30 -32.69 16.64 36.32
C THR B 30 -34.08 16.27 35.77
N ASP B 31 -34.73 17.17 35.02
CA ASP B 31 -36.06 16.94 34.42
C ASP B 31 -35.97 16.07 33.18
N TYR B 32 -34.78 15.98 32.58
CA TYR B 32 -34.61 15.28 31.32
C TYR B 32 -33.81 14.02 31.35
N TYR B 33 -34.20 13.08 30.47
CA TYR B 33 -33.45 11.85 30.25
C TYR B 33 -32.30 12.30 29.34
N MET B 34 -31.14 11.68 29.50
CA MET B 34 -29.95 11.97 28.70
C MET B 34 -29.48 10.68 28.05
N THR B 35 -28.75 10.81 26.96
CA THR B 35 -28.36 9.65 26.17
C THR B 35 -26.94 9.82 25.58
N TRP B 36 -26.32 8.69 25.20
CA TRP B 36 -25.09 8.63 24.43
C TRP B 36 -25.42 7.87 23.15
N VAL B 37 -25.01 8.42 22.01
CA VAL B 37 -25.20 7.84 20.67
C VAL B 37 -23.82 7.94 20.01
N ARG B 38 -23.42 6.91 19.25
CA ARG B 38 -22.15 6.96 18.54
C ARG B 38 -22.32 6.75 17.05
N GLN B 39 -21.31 7.15 16.28
CA GLN B 39 -21.34 6.97 14.84
C GLN B 39 -19.93 6.63 14.34
N PRO B 40 -19.66 5.35 13.99
CA PRO B 40 -18.35 4.99 13.42
C PRO B 40 -18.16 5.67 12.06
N PRO B 41 -16.92 5.92 11.59
CA PRO B 41 -16.74 6.59 10.29
C PRO B 41 -17.54 5.94 9.14
N GLY B 42 -18.28 6.78 8.40
CA GLY B 42 -19.12 6.39 7.27
C GLY B 42 -20.22 5.38 7.55
N LYS B 43 -20.58 5.19 8.83
CA LYS B 43 -21.61 4.22 9.25
C LYS B 43 -22.82 4.90 9.89
N ALA B 44 -23.86 4.12 10.23
CA ALA B 44 -25.07 4.66 10.83
C ALA B 44 -24.89 5.01 12.30
N LEU B 45 -25.83 5.80 12.82
CA LEU B 45 -25.90 6.18 14.21
C LEU B 45 -26.32 4.95 15.03
N GLU B 46 -25.78 4.84 16.24
CA GLU B 46 -26.09 3.72 17.13
C GLU B 46 -26.36 4.24 18.53
N TRP B 47 -27.58 3.99 19.05
CA TRP B 47 -27.92 4.35 20.42
C TRP B 47 -27.16 3.38 21.35
N LEU B 48 -26.53 3.92 22.40
CA LEU B 48 -25.72 3.12 23.33
C LEU B 48 -26.24 3.02 24.74
N ALA B 49 -26.66 4.15 25.31
CA ALA B 49 -27.05 4.21 26.71
C ALA B 49 -27.98 5.37 26.98
N LEU B 50 -28.82 5.20 27.99
CA LEU B 50 -29.73 6.24 28.46
C LEU B 50 -29.68 6.33 29.97
N ILE B 51 -30.00 7.51 30.49
CA ILE B 51 -30.12 7.72 31.91
C ILE B 51 -31.38 8.54 32.11
N ARG B 52 -32.29 8.06 32.94
CA ARG B 52 -33.58 8.70 33.16
C ARG B 52 -33.49 9.92 34.04
N ASN B 53 -34.57 10.69 34.11
CA ASN B 53 -34.64 11.89 34.95
C ASN B 53 -34.88 11.52 36.43
N LYS B 54 -34.97 12.54 37.28
CA LYS B 54 -35.22 12.45 38.72
C LYS B 54 -36.47 11.63 39.06
N ALA B 55 -37.60 11.93 38.39
CA ALA B 55 -38.90 11.28 38.56
C ALA B 55 -38.86 9.76 38.37
N SER B 56 -37.98 9.29 37.46
CA SER B 56 -37.82 7.88 37.14
C SER B 56 -36.67 7.22 37.91
N GLY B 57 -36.15 7.95 38.89
CA GLY B 57 -35.08 7.49 39.78
C GLY B 57 -33.71 7.38 39.14
N TYR B 58 -33.47 8.10 38.01
CA TYR B 58 -32.20 8.11 37.26
C TYR B 58 -31.72 6.71 36.85
N THR B 59 -32.65 5.82 36.48
CA THR B 59 -32.32 4.45 36.07
C THR B 59 -31.68 4.45 34.70
N THR B 60 -30.98 3.37 34.37
CA THR B 60 -30.21 3.28 33.12
C THR B 60 -30.63 2.11 32.23
N GLU B 61 -30.28 2.20 30.94
CA GLU B 61 -30.49 1.16 29.91
C GLU B 61 -29.30 1.22 28.99
N TYR B 62 -28.91 0.09 28.43
CA TYR B 62 -27.76 0.01 27.54
C TYR B 62 -28.07 -0.85 26.35
N SER B 63 -27.37 -0.60 25.23
CA SER B 63 -27.46 -1.47 24.07
C SER B 63 -26.63 -2.70 24.41
N ALA B 64 -26.93 -3.85 23.78
CA ALA B 64 -26.23 -5.12 23.99
C ALA B 64 -24.74 -5.00 23.60
N SER B 65 -24.42 -4.08 22.66
CA SER B 65 -23.06 -3.83 22.18
C SER B 65 -22.12 -3.28 23.27
N VAL B 66 -22.66 -2.57 24.28
CA VAL B 66 -21.85 -1.95 25.34
C VAL B 66 -22.13 -2.43 26.78
N LYS B 67 -23.22 -3.19 26.98
CA LYS B 67 -23.63 -3.72 28.30
C LYS B 67 -22.46 -4.46 28.96
N GLY B 68 -22.20 -4.14 30.22
CA GLY B 68 -21.12 -4.73 31.02
C GLY B 68 -19.77 -4.06 30.85
N ARG B 69 -19.61 -3.22 29.81
CA ARG B 69 -18.34 -2.52 29.56
C ARG B 69 -18.47 -1.02 29.81
N PHE B 70 -19.62 -0.45 29.43
CA PHE B 70 -19.86 0.99 29.56
C PHE B 70 -20.85 1.33 30.68
N THR B 71 -20.62 2.45 31.35
CA THR B 71 -21.51 2.95 32.41
C THR B 71 -21.86 4.41 32.15
N ILE B 72 -23.16 4.70 32.10
CA ILE B 72 -23.66 6.06 31.96
C ILE B 72 -23.97 6.56 33.37
N SER B 73 -23.58 7.80 33.67
CA SER B 73 -23.79 8.44 34.96
C SER B 73 -23.99 9.94 34.76
N ARG B 74 -24.50 10.62 35.78
CA ARG B 74 -24.76 12.04 35.70
C ARG B 74 -24.43 12.72 37.02
N ASP B 75 -23.88 13.91 36.93
CA ASP B 75 -23.59 14.77 38.07
C ASP B 75 -24.70 15.82 38.03
N ASN B 76 -25.70 15.66 38.90
CA ASN B 76 -26.88 16.52 38.98
C ASN B 76 -26.63 17.87 39.66
N SER B 77 -25.48 18.02 40.31
CA SER B 77 -25.12 19.28 40.94
C SER B 77 -24.38 20.17 39.92
N GLN B 78 -23.64 19.57 38.99
CA GLN B 78 -22.87 20.30 37.98
C GLN B 78 -23.46 20.27 36.56
N SER B 79 -24.56 19.50 36.35
CA SER B 79 -25.24 19.31 35.05
C SER B 79 -24.27 18.70 34.01
N ILE B 80 -23.58 17.64 34.40
CA ILE B 80 -22.62 16.94 33.56
C ILE B 80 -23.06 15.50 33.39
N LEU B 81 -22.95 14.99 32.17
CA LEU B 81 -23.25 13.61 31.83
C LEU B 81 -21.92 12.92 31.55
N TYR B 82 -21.76 11.67 32.01
CA TYR B 82 -20.53 10.91 31.79
C TYR B 82 -20.79 9.59 31.10
N LEU B 83 -19.74 9.05 30.46
CA LEU B 83 -19.73 7.73 29.83
C LEU B 83 -18.38 7.12 30.19
N GLN B 84 -18.41 6.15 31.12
CA GLN B 84 -17.23 5.40 31.56
C GLN B 84 -17.12 4.22 30.62
N MET B 85 -16.01 4.13 29.88
CA MET B 85 -15.83 3.04 28.91
C MET B 85 -14.67 2.14 29.31
N ASN B 86 -14.94 0.86 29.61
CA ASN B 86 -13.87 -0.08 29.94
C ASN B 86 -13.80 -1.14 28.86
N ALA B 87 -12.71 -1.95 28.85
CA ALA B 87 -12.47 -3.03 27.87
C ALA B 87 -12.73 -2.53 26.45
N LEU B 88 -12.11 -1.39 26.07
CA LEU B 88 -12.32 -0.82 24.74
C LEU B 88 -11.76 -1.71 23.62
N ARG B 89 -12.48 -1.74 22.50
CA ARG B 89 -12.10 -2.51 21.33
C ARG B 89 -12.18 -1.62 20.08
N ALA B 90 -11.49 -2.03 19.00
CA ALA B 90 -11.43 -1.30 17.74
C ALA B 90 -12.80 -0.83 17.20
N GLU B 91 -13.86 -1.67 17.35
CA GLU B 91 -15.21 -1.33 16.88
C GLU B 91 -15.89 -0.24 17.72
N ASP B 92 -15.27 0.15 18.86
CA ASP B 92 -15.79 1.26 19.66
C ASP B 92 -15.30 2.59 19.07
N SER B 93 -14.36 2.57 18.08
CA SER B 93 -13.88 3.78 17.40
C SER B 93 -15.04 4.47 16.68
N ALA B 94 -15.35 5.72 17.06
CA ALA B 94 -16.49 6.45 16.51
C ALA B 94 -16.50 7.86 17.04
N THR B 95 -17.42 8.66 16.53
CA THR B 95 -17.70 9.96 17.07
C THR B 95 -18.83 9.67 18.07
N TYR B 96 -18.69 10.19 19.29
CA TYR B 96 -19.65 9.99 20.37
C TYR B 96 -20.40 11.25 20.63
N TYR B 97 -21.71 11.16 20.62
CA TYR B 97 -22.59 12.29 20.89
C TYR B 97 -23.35 12.07 22.17
N CYS B 98 -23.52 13.15 22.93
CA CYS B 98 -24.36 13.13 24.09
C CYS B 98 -25.66 13.83 23.63
N THR B 99 -26.81 13.32 24.06
CA THR B 99 -28.07 13.87 23.60
C THR B 99 -29.06 14.08 24.73
N ARG B 100 -30.00 15.01 24.53
CA ARG B 100 -31.12 15.23 25.43
C ARG B 100 -32.35 14.59 24.78
N ALA B 101 -33.24 14.02 25.57
CA ALA B 101 -34.47 13.49 24.99
C ALA B 101 -35.62 14.45 25.30
N LYS B 102 -36.50 14.69 24.30
CA LYS B 102 -37.60 15.64 24.41
C LYS B 102 -38.72 15.21 25.37
N TRP B 103 -39.27 14.01 25.16
CA TRP B 103 -40.42 13.50 25.90
C TRP B 103 -40.10 12.25 26.70
N ASP B 104 -39.62 12.43 27.94
CA ASP B 104 -39.23 11.36 28.86
C ASP B 104 -38.51 10.20 28.16
N GLY B 105 -37.36 10.51 27.54
CA GLY B 105 -36.57 9.51 26.84
C GLY B 105 -36.77 9.46 25.34
N HIS B 106 -37.95 9.90 24.86
CA HIS B 106 -38.25 9.86 23.44
C HIS B 106 -37.85 11.13 22.71
N TYR B 107 -37.25 10.94 21.52
CA TYR B 107 -36.89 11.95 20.53
C TYR B 107 -35.72 12.82 20.93
N PHE B 108 -34.56 12.59 20.30
CA PHE B 108 -33.31 13.28 20.64
C PHE B 108 -33.28 14.68 20.04
N ASP B 109 -33.81 15.67 20.79
CA ASP B 109 -34.00 17.07 20.35
C ASP B 109 -32.76 17.96 20.32
N TYR B 110 -31.77 17.68 21.18
CA TYR B 110 -30.50 18.39 21.22
C TYR B 110 -29.35 17.42 21.26
N TRP B 111 -28.32 17.70 20.47
CA TRP B 111 -27.11 16.88 20.34
C TRP B 111 -25.91 17.76 20.53
N GLY B 112 -24.85 17.21 21.09
CA GLY B 112 -23.60 17.96 21.23
C GLY B 112 -22.85 17.92 19.92
N GLN B 113 -21.68 18.55 19.87
CA GLN B 113 -20.87 18.58 18.64
C GLN B 113 -20.14 17.24 18.35
N GLY B 114 -20.07 16.39 19.37
CA GLY B 114 -19.41 15.10 19.31
C GLY B 114 -17.96 15.11 19.76
N THR B 115 -17.47 13.96 20.19
CA THR B 115 -16.09 13.73 20.58
C THR B 115 -15.64 12.44 19.93
N THR B 116 -14.42 12.43 19.39
CA THR B 116 -13.89 11.29 18.64
C THR B 116 -13.03 10.37 19.47
N LEU B 117 -13.31 9.07 19.40
CA LEU B 117 -12.55 8.03 20.07
C LEU B 117 -11.93 7.14 19.00
N THR B 118 -10.65 6.83 19.16
CA THR B 118 -9.92 5.90 18.32
C THR B 118 -9.34 4.84 19.24
N VAL B 119 -9.71 3.58 19.01
CA VAL B 119 -9.19 2.44 19.76
C VAL B 119 -8.28 1.70 18.79
N SER B 120 -6.96 1.73 19.09
CA SER B 120 -5.94 1.17 18.19
C SER B 120 -4.64 0.94 18.92
N SER B 121 -3.87 0.00 18.41
CA SER B 121 -2.54 -0.31 18.93
C SER B 121 -1.48 0.59 18.24
N ALA B 122 -1.86 1.26 17.12
CA ALA B 122 -0.98 2.18 16.38
C ALA B 122 -0.60 3.38 17.23
N LYS B 123 0.64 3.84 17.10
CA LYS B 123 1.21 4.93 17.86
C LYS B 123 1.06 6.26 17.15
N THR B 124 0.98 7.34 17.95
CA THR B 124 0.92 8.71 17.45
C THR B 124 2.13 8.97 16.56
N THR B 125 1.87 9.40 15.31
CA THR B 125 2.90 9.67 14.31
C THR B 125 2.60 10.98 13.57
N ALA B 126 3.62 11.87 13.43
CA ALA B 126 3.49 13.13 12.69
C ALA B 126 3.55 12.82 11.20
N PRO B 127 2.82 13.56 10.33
CA PRO B 127 2.86 13.25 8.91
C PRO B 127 4.09 13.81 8.21
N SER B 128 4.37 13.28 7.02
CA SER B 128 5.34 13.85 6.11
C SER B 128 4.44 14.69 5.18
N VAL B 129 4.90 15.88 4.80
CA VAL B 129 4.11 16.78 3.95
C VAL B 129 4.90 17.00 2.67
N TYR B 130 4.27 16.68 1.53
CA TYR B 130 4.89 16.81 0.21
C TYR B 130 4.20 17.84 -0.69
N PRO B 131 4.97 18.79 -1.28
CA PRO B 131 4.36 19.78 -2.19
C PRO B 131 4.07 19.17 -3.56
N LEU B 132 2.89 19.47 -4.14
CA LEU B 132 2.52 18.99 -5.47
C LEU B 132 2.44 20.16 -6.44
N ALA B 133 3.55 20.42 -7.13
CA ALA B 133 3.67 21.52 -8.10
C ALA B 133 3.34 20.95 -9.49
N PRO B 134 2.81 21.75 -10.38
CA PRO B 134 2.47 21.26 -11.71
C PRO B 134 3.66 20.82 -12.49
N VAL B 135 3.44 19.96 -13.46
CA VAL B 135 4.53 19.44 -14.24
C VAL B 135 5.21 20.59 -14.98
N CYS B 136 6.46 20.85 -14.67
CA CYS B 136 7.06 22.07 -15.16
C CYS B 136 8.33 21.63 -15.82
N SER B 142 -5.06 29.49 -18.14
CA SER B 142 -6.34 29.89 -17.57
C SER B 142 -6.30 29.76 -16.05
N SER B 143 -6.29 28.52 -15.55
CA SER B 143 -6.20 28.25 -14.12
C SER B 143 -5.08 27.22 -13.85
N VAL B 144 -4.52 27.27 -12.63
CA VAL B 144 -3.47 26.36 -12.18
C VAL B 144 -3.93 25.66 -10.91
N THR B 145 -3.67 24.35 -10.82
CA THR B 145 -3.98 23.54 -9.66
C THR B 145 -2.68 23.10 -9.01
N LEU B 146 -2.60 23.32 -7.69
CA LEU B 146 -1.47 22.92 -6.84
C LEU B 146 -2.00 21.91 -5.85
N GLY B 147 -1.11 21.18 -5.22
CA GLY B 147 -1.50 20.17 -4.27
C GLY B 147 -0.60 20.05 -3.07
N CYS B 148 -1.06 19.25 -2.12
CA CYS B 148 -0.37 18.99 -0.88
C CYS B 148 -0.71 17.58 -0.46
N LEU B 149 0.31 16.73 -0.28
CA LEU B 149 0.13 15.33 0.12
C LEU B 149 0.64 15.17 1.54
N VAL B 150 -0.28 14.74 2.43
CA VAL B 150 -0.02 14.56 3.86
C VAL B 150 -0.04 13.06 4.12
N LYS B 151 1.15 12.48 4.27
CA LYS B 151 1.29 11.04 4.38
C LYS B 151 1.90 10.55 5.67
N GLY B 152 1.34 9.47 6.19
CA GLY B 152 1.86 8.76 7.33
C GLY B 152 1.61 9.35 8.70
N TYR B 153 0.37 9.80 8.96
CA TYR B 153 0.03 10.30 10.29
C TYR B 153 -0.95 9.41 11.03
N PHE B 154 -0.97 9.55 12.35
CA PHE B 154 -1.87 8.82 13.25
C PHE B 154 -1.87 9.52 14.62
N PRO B 155 -3.04 9.68 15.26
CA PRO B 155 -4.39 9.39 14.75
C PRO B 155 -4.90 10.55 13.90
N GLU B 156 -6.16 10.44 13.47
CA GLU B 156 -6.87 11.51 12.82
C GLU B 156 -7.25 12.50 13.96
N PRO B 157 -7.45 13.80 13.69
CA PRO B 157 -7.37 14.46 12.38
C PRO B 157 -6.08 15.27 12.20
N VAL B 158 -5.97 15.87 11.01
CA VAL B 158 -5.00 16.89 10.67
C VAL B 158 -5.86 18.06 10.19
N THR B 159 -5.38 19.28 10.35
CA THR B 159 -6.08 20.42 9.78
C THR B 159 -5.20 20.94 8.67
N LEU B 160 -5.78 21.18 7.51
CA LEU B 160 -5.02 21.68 6.36
C LEU B 160 -5.65 22.96 5.84
N THR B 161 -4.84 24.02 5.72
CA THR B 161 -5.27 25.30 5.17
C THR B 161 -4.27 25.71 4.11
N TRP B 162 -4.68 26.66 3.27
CA TRP B 162 -3.84 27.23 2.21
C TRP B 162 -3.70 28.70 2.50
N ASN B 163 -2.43 29.17 2.57
CA ASN B 163 -2.09 30.56 2.90
C ASN B 163 -2.80 31.03 4.17
N SER B 164 -2.74 30.18 5.23
CA SER B 164 -3.32 30.40 6.57
C SER B 164 -4.84 30.69 6.55
N GLY B 165 -5.55 30.03 5.65
CA GLY B 165 -7.00 30.17 5.51
C GLY B 165 -7.46 31.31 4.62
N SER B 166 -6.52 32.09 4.06
CA SER B 166 -6.87 33.19 3.16
C SER B 166 -7.35 32.67 1.79
N LEU B 167 -6.96 31.42 1.44
CA LEU B 167 -7.44 30.75 0.22
C LEU B 167 -8.40 29.63 0.62
N SER B 168 -9.68 29.71 0.19
CA SER B 168 -10.70 28.71 0.52
C SER B 168 -11.54 28.30 -0.69
N SER B 169 -11.89 29.30 -1.56
CA SER B 169 -12.60 29.08 -2.81
C SER B 169 -11.50 28.40 -3.63
N GLY B 170 -11.87 27.34 -4.31
CA GLY B 170 -10.96 26.57 -5.15
C GLY B 170 -10.23 25.45 -4.45
N VAL B 171 -10.50 25.25 -3.14
CA VAL B 171 -9.85 24.22 -2.32
C VAL B 171 -10.69 22.94 -2.22
N HIS B 172 -10.06 21.78 -2.41
CA HIS B 172 -10.70 20.47 -2.19
C HIS B 172 -9.76 19.68 -1.29
N THR B 173 -10.22 19.37 -0.09
CA THR B 173 -9.46 18.56 0.88
C THR B 173 -10.15 17.22 0.92
N PHE B 174 -9.44 16.18 0.53
CA PHE B 174 -9.97 14.83 0.42
C PHE B 174 -9.96 14.04 1.71
N PRO B 175 -10.99 13.20 1.95
CA PRO B 175 -11.01 12.39 3.17
C PRO B 175 -9.75 11.53 3.26
N ALA B 176 -9.24 11.36 4.49
CA ALA B 176 -8.07 10.53 4.76
C ALA B 176 -8.37 9.07 4.44
N VAL B 177 -7.36 8.37 3.96
CA VAL B 177 -7.42 6.96 3.65
C VAL B 177 -6.36 6.25 4.49
N LEU B 178 -6.66 5.02 4.95
CA LEU B 178 -5.73 4.21 5.72
C LEU B 178 -4.77 3.53 4.72
N GLN B 179 -3.48 3.85 4.84
CA GLN B 179 -2.42 3.36 3.96
C GLN B 179 -1.20 3.04 4.82
N SER B 180 -0.72 1.77 4.75
CA SER B 180 0.44 1.30 5.48
C SER B 180 0.34 1.59 6.98
N ASP B 181 -0.84 1.28 7.55
CA ASP B 181 -1.19 1.38 8.97
C ASP B 181 -1.27 2.81 9.49
N LEU B 182 -1.28 3.79 8.59
CA LEU B 182 -1.32 5.21 8.91
C LEU B 182 -2.29 5.91 7.97
N TYR B 183 -2.57 7.18 8.22
CA TYR B 183 -3.47 7.96 7.36
C TYR B 183 -2.73 8.78 6.34
N THR B 184 -3.33 8.88 5.15
CA THR B 184 -2.84 9.68 4.05
C THR B 184 -4.00 10.54 3.56
N LEU B 185 -3.73 11.83 3.32
CA LEU B 185 -4.73 12.72 2.78
C LEU B 185 -4.07 13.65 1.79
N SER B 186 -4.87 14.19 0.88
CA SER B 186 -4.37 15.18 -0.08
C SER B 186 -5.34 16.36 -0.15
N SER B 187 -4.86 17.48 -0.65
CA SER B 187 -5.66 18.67 -0.85
C SER B 187 -5.19 19.37 -2.12
N SER B 188 -6.13 19.91 -2.87
CA SER B 188 -5.81 20.68 -4.07
C SER B 188 -6.32 22.10 -3.89
N VAL B 189 -5.64 23.04 -4.52
CA VAL B 189 -6.05 24.44 -4.56
C VAL B 189 -5.98 24.87 -6.01
N THR B 190 -7.11 25.37 -6.54
CA THR B 190 -7.17 25.85 -7.92
C THR B 190 -7.24 27.36 -7.89
N VAL B 191 -6.28 28.01 -8.57
CA VAL B 191 -6.19 29.46 -8.61
C VAL B 191 -6.00 29.93 -10.07
N THR B 192 -6.20 31.23 -10.36
CA THR B 192 -6.00 31.74 -11.72
C THR B 192 -4.50 31.66 -12.08
N SER B 193 -4.18 31.42 -13.37
CA SER B 193 -2.79 31.27 -13.84
C SER B 193 -1.89 32.48 -13.52
N SER B 194 -2.46 33.68 -13.38
CA SER B 194 -1.74 34.91 -13.04
C SER B 194 -1.38 34.98 -11.54
N THR B 195 -2.05 34.16 -10.70
CA THR B 195 -1.81 34.12 -9.25
C THR B 195 -0.48 33.43 -8.90
N TRP B 196 -0.23 32.23 -9.44
CA TRP B 196 0.97 31.45 -9.11
C TRP B 196 1.77 31.15 -10.40
N PRO B 197 3.12 31.18 -10.40
CA PRO B 197 4.06 31.37 -9.26
C PRO B 197 4.33 32.78 -8.73
N SER B 198 3.80 33.85 -9.39
CA SER B 198 4.03 35.25 -8.98
C SER B 198 3.69 35.52 -7.50
N GLN B 199 2.59 34.93 -7.00
CA GLN B 199 2.19 35.03 -5.59
C GLN B 199 2.50 33.71 -4.89
N SER B 200 2.87 33.81 -3.62
CA SER B 200 3.22 32.69 -2.77
C SER B 200 1.99 31.86 -2.38
N ILE B 201 2.06 30.53 -2.54
CA ILE B 201 1.01 29.60 -2.11
C ILE B 201 1.65 28.53 -1.21
N THR B 202 1.21 28.48 0.04
CA THR B 202 1.73 27.58 1.07
C THR B 202 0.63 26.68 1.62
N CYS B 203 0.98 25.40 1.80
CA CYS B 203 0.14 24.39 2.43
C CYS B 203 0.47 24.45 3.92
N ASN B 204 -0.53 24.66 4.80
CA ASN B 204 -0.30 24.67 6.25
C ASN B 204 -0.95 23.44 6.86
N VAL B 205 -0.15 22.56 7.47
CA VAL B 205 -0.65 21.32 8.07
C VAL B 205 -0.42 21.32 9.57
N ALA B 206 -1.48 21.06 10.32
CA ALA B 206 -1.36 20.93 11.77
C ALA B 206 -1.84 19.52 12.17
N HIS B 207 -1.04 18.80 12.98
CA HIS B 207 -1.39 17.49 13.54
C HIS B 207 -1.34 17.65 15.06
N PRO B 208 -2.48 18.04 15.68
CA PRO B 208 -2.48 18.30 17.13
C PRO B 208 -2.00 17.19 18.04
N ALA B 209 -2.31 15.92 17.69
CA ALA B 209 -1.94 14.76 18.50
C ALA B 209 -0.42 14.61 18.67
N SER B 210 0.36 15.04 17.67
CA SER B 210 1.82 14.96 17.77
C SER B 210 2.42 16.36 17.98
N SER B 211 1.56 17.38 18.22
CA SER B 211 1.95 18.80 18.40
C SER B 211 2.91 19.27 17.29
N THR B 212 2.48 19.04 16.04
CA THR B 212 3.27 19.39 14.85
C THR B 212 2.51 20.39 13.97
N LYS B 213 3.27 21.35 13.43
CA LYS B 213 2.81 22.33 12.45
C LYS B 213 3.85 22.34 11.35
N VAL B 214 3.39 22.16 10.10
CA VAL B 214 4.25 22.16 8.90
C VAL B 214 3.68 23.18 7.91
N ASP B 215 4.56 24.03 7.35
CA ASP B 215 4.26 24.98 6.28
C ASP B 215 5.12 24.59 5.10
N LYS B 216 4.46 24.28 3.99
CA LYS B 216 5.13 23.86 2.77
C LYS B 216 4.79 24.81 1.65
N LYS B 217 5.75 25.66 1.27
CA LYS B 217 5.56 26.60 0.17
C LYS B 217 5.66 25.79 -1.11
N ILE B 218 4.70 25.98 -2.03
CA ILE B 218 4.71 25.24 -3.30
C ILE B 218 5.60 26.02 -4.27
N GLU B 219 6.73 25.44 -4.65
CA GLU B 219 7.69 26.04 -5.58
C GLU B 219 7.53 25.42 -6.98
N PRO B 220 7.74 26.17 -8.08
CA PRO B 220 7.69 25.52 -9.41
C PRO B 220 8.83 24.50 -9.58
N ARG B 221 8.56 23.54 -10.42
CA ARG B 221 9.49 22.54 -10.81
C ARG B 221 10.37 23.10 -11.91
N MET C 1 47.02 7.94 -14.33
CA MET C 1 46.15 7.30 -15.33
C MET C 1 46.69 5.96 -15.80
N SER C 2 46.02 4.87 -15.40
CA SER C 2 46.41 3.51 -15.75
C SER C 2 45.79 3.12 -17.10
N TYR C 3 46.56 2.41 -17.94
CA TYR C 3 46.07 1.93 -19.22
C TYR C 3 46.07 0.42 -19.23
N SER C 4 45.18 -0.19 -20.03
CA SER C 4 45.12 -1.65 -20.16
C SER C 4 46.31 -2.12 -20.98
N MET C 5 46.58 -3.43 -20.97
CA MET C 5 47.62 -4.00 -21.83
C MET C 5 46.90 -4.34 -23.14
N CYS C 6 47.47 -3.99 -24.31
CA CYS C 6 46.86 -4.34 -25.61
C CYS C 6 46.83 -5.87 -25.72
N THR C 7 45.65 -6.42 -26.03
CA THR C 7 45.43 -7.87 -26.15
C THR C 7 45.47 -8.39 -27.61
N GLY C 8 45.21 -7.48 -28.56
CA GLY C 8 45.10 -7.82 -29.97
C GLY C 8 46.38 -7.81 -30.79
N LYS C 9 46.18 -7.95 -32.11
CA LYS C 9 47.25 -8.02 -33.10
C LYS C 9 47.77 -6.68 -33.53
N PHE C 10 49.05 -6.65 -33.90
CA PHE C 10 49.77 -5.49 -34.43
C PHE C 10 50.22 -5.79 -35.86
N LYS C 11 50.40 -4.73 -36.66
CA LYS C 11 50.87 -4.84 -38.04
C LYS C 11 51.94 -3.78 -38.27
N VAL C 12 53.03 -4.15 -38.96
CA VAL C 12 54.11 -3.24 -39.30
C VAL C 12 53.62 -2.40 -40.49
N VAL C 13 53.50 -1.07 -40.31
CA VAL C 13 52.99 -0.11 -41.32
C VAL C 13 53.93 0.03 -42.52
N LYS C 14 55.24 0.17 -42.25
CA LYS C 14 56.27 0.37 -43.28
C LYS C 14 57.57 -0.34 -42.88
N GLU C 15 58.56 -0.38 -43.76
CA GLU C 15 59.86 -0.98 -43.47
C GLU C 15 60.50 -0.32 -42.24
N ILE C 16 61.07 -1.15 -41.35
CA ILE C 16 61.74 -0.69 -40.13
C ILE C 16 62.89 0.24 -40.49
N ALA C 17 62.87 1.46 -39.93
CA ALA C 17 63.87 2.49 -40.18
C ALA C 17 65.06 2.32 -39.22
N GLU C 18 66.28 2.46 -39.75
CA GLU C 18 67.53 2.40 -38.99
C GLU C 18 68.00 3.83 -38.82
N THR C 19 68.32 4.23 -37.57
CA THR C 19 68.81 5.57 -37.28
C THR C 19 70.34 5.56 -37.35
N GLN C 20 70.95 6.74 -37.42
CA GLN C 20 72.40 6.89 -37.45
C GLN C 20 73.05 6.53 -36.11
N HIS C 21 72.25 6.51 -35.02
CA HIS C 21 72.76 6.21 -33.67
C HIS C 21 72.56 4.78 -33.19
N GLY C 22 72.52 3.83 -34.13
CA GLY C 22 72.39 2.41 -33.80
C GLY C 22 71.08 1.95 -33.18
N THR C 23 69.98 2.65 -33.50
CA THR C 23 68.64 2.27 -33.03
C THR C 23 67.74 2.00 -34.24
N ILE C 24 66.58 1.41 -33.97
CA ILE C 24 65.61 1.10 -35.02
C ILE C 24 64.27 1.73 -34.64
N VAL C 25 63.50 2.15 -35.63
CA VAL C 25 62.19 2.72 -35.41
C VAL C 25 61.19 1.83 -36.14
N ILE C 26 60.29 1.21 -35.38
CA ILE C 26 59.25 0.31 -35.91
C ILE C 26 57.92 1.04 -35.81
N ARG C 27 57.22 1.17 -36.96
CA ARG C 27 55.93 1.85 -37.01
C ARG C 27 54.86 0.78 -37.09
N VAL C 28 54.10 0.62 -35.99
CA VAL C 28 53.06 -0.40 -35.85
C VAL C 28 51.64 0.16 -35.86
N GLN C 29 50.71 -0.66 -36.33
CA GLN C 29 49.28 -0.36 -36.38
C GLN C 29 48.57 -1.39 -35.52
N TYR C 30 47.70 -0.92 -34.60
CA TYR C 30 46.96 -1.85 -33.74
C TYR C 30 45.65 -2.27 -34.42
N GLU C 31 45.33 -3.57 -34.33
CA GLU C 31 44.11 -4.13 -34.94
C GLU C 31 43.07 -4.59 -33.90
N GLY C 32 43.47 -4.65 -32.65
CA GLY C 32 42.63 -5.16 -31.57
C GLY C 32 41.75 -4.18 -30.82
N ASP C 33 41.38 -4.59 -29.61
CA ASP C 33 40.48 -3.85 -28.73
C ASP C 33 41.20 -3.27 -27.53
N GLY C 34 40.52 -2.35 -26.84
CA GLY C 34 41.06 -1.76 -25.62
C GLY C 34 41.92 -0.52 -25.71
N SER C 35 42.05 0.12 -26.90
CA SER C 35 42.81 1.38 -27.01
C SER C 35 42.09 2.45 -26.18
N PRO C 36 42.80 3.33 -25.42
CA PRO C 36 44.26 3.43 -25.27
C PRO C 36 44.85 2.29 -24.44
N CYS C 37 45.88 1.62 -24.97
CA CYS C 37 46.49 0.46 -24.30
C CYS C 37 47.99 0.39 -24.51
N LYS C 38 48.69 -0.32 -23.60
CA LYS C 38 50.14 -0.47 -23.63
C LYS C 38 50.54 -1.54 -24.64
N ILE C 39 51.55 -1.21 -25.45
CA ILE C 39 52.07 -2.14 -26.45
C ILE C 39 53.03 -3.14 -25.79
N PRO C 40 52.69 -4.45 -25.77
CA PRO C 40 53.65 -5.44 -25.25
C PRO C 40 54.83 -5.50 -26.24
N PHE C 41 56.03 -5.28 -25.74
CA PHE C 41 57.24 -5.22 -26.56
C PHE C 41 58.42 -5.82 -25.84
N GLU C 42 59.19 -6.62 -26.58
CA GLU C 42 60.40 -7.25 -26.04
C GLU C 42 61.34 -7.60 -27.16
N ILE C 43 62.65 -7.37 -26.94
CA ILE C 43 63.70 -7.77 -27.87
C ILE C 43 64.38 -8.93 -27.17
N MET C 44 64.34 -10.11 -27.78
CA MET C 44 64.87 -11.33 -27.17
C MET C 44 65.85 -12.07 -28.06
N ASP C 45 66.48 -13.14 -27.52
CA ASP C 45 67.33 -14.04 -28.28
C ASP C 45 66.44 -14.93 -29.17
N LEU C 46 67.02 -15.60 -30.17
CA LEU C 46 66.27 -16.48 -31.09
C LEU C 46 65.55 -17.65 -30.41
N GLU C 47 66.01 -18.03 -29.20
CA GLU C 47 65.42 -19.09 -28.39
C GLU C 47 64.25 -18.57 -27.53
N LYS C 48 64.01 -17.24 -27.55
CA LYS C 48 62.96 -16.52 -26.81
C LYS C 48 63.02 -16.74 -25.28
N ARG C 49 64.24 -16.85 -24.74
CA ARG C 49 64.43 -17.10 -23.32
C ARG C 49 65.04 -15.93 -22.52
N HIS C 50 65.89 -15.09 -23.14
CA HIS C 50 66.49 -13.93 -22.47
C HIS C 50 66.15 -12.62 -23.18
N VAL C 51 66.01 -11.53 -22.40
CA VAL C 51 65.79 -10.18 -22.90
C VAL C 51 67.16 -9.61 -23.30
N LEU C 52 67.33 -9.23 -24.58
CA LEU C 52 68.61 -8.73 -25.08
C LEU C 52 68.63 -7.24 -25.38
N GLY C 53 67.60 -6.76 -26.05
CA GLY C 53 67.54 -5.37 -26.49
C GLY C 53 67.07 -4.39 -25.45
N ARG C 54 67.12 -3.10 -25.83
CA ARG C 54 66.71 -1.97 -25.02
C ARG C 54 65.63 -1.19 -25.76
N LEU C 55 64.53 -0.92 -25.09
CA LEU C 55 63.45 -0.11 -25.62
C LEU C 55 63.83 1.35 -25.31
N ILE C 56 63.75 2.25 -26.32
CA ILE C 56 64.05 3.68 -26.15
C ILE C 56 62.74 4.44 -25.87
N THR C 57 61.66 4.13 -26.64
CA THR C 57 60.35 4.75 -26.45
C THR C 57 59.85 4.48 -25.04
N VAL C 58 59.47 5.56 -24.33
CA VAL C 58 58.97 5.50 -22.97
C VAL C 58 57.51 5.12 -23.03
N ASN C 59 57.17 3.97 -22.41
CA ASN C 59 55.81 3.41 -22.29
C ASN C 59 55.05 3.42 -23.64
N PRO C 60 55.40 2.55 -24.63
CA PRO C 60 54.69 2.61 -25.93
C PRO C 60 53.22 2.31 -25.72
N ILE C 61 52.38 3.24 -26.16
CA ILE C 61 50.93 3.18 -25.99
C ILE C 61 50.22 3.47 -27.30
N VAL C 62 49.13 2.73 -27.58
CA VAL C 62 48.25 2.99 -28.72
C VAL C 62 47.27 4.05 -28.19
N THR C 63 47.38 5.32 -28.67
CA THR C 63 46.47 6.40 -28.22
C THR C 63 45.10 6.21 -28.87
N GLU C 64 45.10 5.95 -30.17
CA GLU C 64 43.94 5.66 -30.99
C GLU C 64 44.33 4.57 -31.97
N LYS C 65 43.46 3.57 -32.11
CA LYS C 65 43.63 2.42 -32.99
C LYS C 65 43.95 2.86 -34.44
N ASP C 66 43.33 3.98 -34.89
CA ASP C 66 43.48 4.55 -36.23
C ASP C 66 44.85 5.19 -36.52
N SER C 67 45.59 5.56 -35.46
CA SER C 67 46.89 6.22 -35.57
C SER C 67 48.06 5.26 -35.31
N PRO C 68 48.99 5.07 -36.27
CA PRO C 68 50.14 4.18 -36.00
C PRO C 68 51.08 4.73 -34.90
N VAL C 69 51.86 3.82 -34.28
CA VAL C 69 52.77 4.18 -33.21
C VAL C 69 54.21 3.87 -33.61
N ASN C 70 55.10 4.85 -33.42
CA ASN C 70 56.53 4.67 -33.67
C ASN C 70 57.18 4.12 -32.41
N ILE C 71 57.83 2.97 -32.53
CA ILE C 71 58.54 2.37 -31.40
C ILE C 71 60.04 2.40 -31.70
N GLU C 72 60.80 3.14 -30.90
CA GLU C 72 62.24 3.20 -31.07
C GLU C 72 62.90 2.24 -30.07
N ALA C 73 63.76 1.37 -30.58
CA ALA C 73 64.45 0.36 -29.78
C ALA C 73 65.90 0.23 -30.22
N GLU C 74 66.76 -0.28 -29.32
CA GLU C 74 68.17 -0.49 -29.60
C GLU C 74 68.44 -2.01 -29.55
N PRO C 75 68.50 -2.68 -30.71
CA PRO C 75 68.71 -4.14 -30.69
C PRO C 75 70.14 -4.50 -30.34
N PRO C 76 70.42 -5.72 -29.82
CA PRO C 76 71.83 -6.10 -29.58
C PRO C 76 72.52 -6.37 -30.92
N PHE C 77 73.86 -6.45 -30.93
CA PHE C 77 74.59 -6.82 -32.14
C PHE C 77 74.28 -8.30 -32.43
N GLY C 78 74.23 -8.66 -33.70
CA GLY C 78 73.93 -10.01 -34.15
C GLY C 78 72.44 -10.27 -34.29
N ASP C 79 72.03 -11.53 -34.08
CA ASP C 79 70.65 -11.99 -34.21
C ASP C 79 69.78 -11.73 -32.98
N SER C 80 68.56 -11.24 -33.21
CA SER C 80 67.57 -11.01 -32.16
C SER C 80 66.15 -11.07 -32.71
N TYR C 81 65.18 -11.29 -31.81
CA TYR C 81 63.76 -11.34 -32.11
C TYR C 81 63.07 -10.11 -31.54
N ILE C 82 62.32 -9.39 -32.38
CA ILE C 82 61.50 -8.26 -31.94
C ILE C 82 60.11 -8.88 -31.74
N ILE C 83 59.65 -8.92 -30.49
CA ILE C 83 58.37 -9.54 -30.14
C ILE C 83 57.37 -8.46 -29.78
N ILE C 84 56.33 -8.30 -30.63
CA ILE C 84 55.31 -7.27 -30.45
C ILE C 84 53.94 -7.88 -30.20
N GLY C 85 53.33 -7.49 -29.09
CA GLY C 85 52.02 -7.95 -28.67
C GLY C 85 52.04 -9.26 -27.90
N VAL C 86 50.85 -9.71 -27.49
CA VAL C 86 50.64 -10.98 -26.79
C VAL C 86 50.10 -12.02 -27.79
N GLU C 87 50.16 -13.31 -27.44
CA GLU C 87 49.63 -14.39 -28.26
C GLU C 87 48.09 -14.38 -28.15
N PRO C 88 47.31 -14.75 -29.21
CA PRO C 88 47.73 -15.26 -30.53
C PRO C 88 48.06 -14.15 -31.53
N GLY C 89 48.72 -14.52 -32.63
CA GLY C 89 49.09 -13.59 -33.70
C GLY C 89 50.13 -12.55 -33.31
N GLN C 90 50.96 -12.88 -32.32
CA GLN C 90 52.05 -12.06 -31.82
C GLN C 90 53.10 -11.89 -32.94
N LEU C 91 53.52 -10.63 -33.21
CA LEU C 91 54.54 -10.32 -34.23
C LEU C 91 55.90 -10.78 -33.71
N LYS C 92 56.60 -11.65 -34.47
CA LYS C 92 57.93 -12.16 -34.12
C LYS C 92 58.86 -11.82 -35.28
N LEU C 93 59.49 -10.64 -35.21
CA LEU C 93 60.34 -10.10 -36.26
C LEU C 93 61.82 -10.40 -36.08
N ASN C 94 62.42 -11.06 -37.08
CA ASN C 94 63.85 -11.36 -37.10
C ASN C 94 64.61 -10.08 -37.34
N TRP C 95 65.69 -9.86 -36.59
CA TRP C 95 66.54 -8.69 -36.76
C TRP C 95 68.02 -9.01 -36.70
N PHE C 96 68.79 -8.46 -37.64
CA PHE C 96 70.24 -8.63 -37.67
C PHE C 96 70.93 -7.27 -37.71
N LYS C 97 71.72 -6.98 -36.65
CA LYS C 97 72.49 -5.75 -36.49
C LYS C 97 73.98 -6.05 -36.72
N LYS C 98 74.63 -5.13 -37.46
CA LYS C 98 76.04 -5.17 -37.88
C LYS C 98 76.31 -6.27 -38.91
N GLU D 1 23.71 13.15 -20.02
CA GLU D 1 23.73 13.15 -21.49
C GLU D 1 23.59 11.74 -22.07
N VAL D 2 24.50 10.80 -21.70
CA VAL D 2 24.50 9.42 -22.19
C VAL D 2 23.34 8.63 -21.60
N LYS D 3 22.47 8.12 -22.49
CA LYS D 3 21.28 7.36 -22.11
C LYS D 3 21.10 6.14 -23.03
N LEU D 4 20.80 4.98 -22.41
CA LEU D 4 20.56 3.70 -23.07
C LEU D 4 19.23 3.20 -22.53
N VAL D 5 18.29 2.91 -23.43
CA VAL D 5 16.96 2.42 -23.03
C VAL D 5 16.64 1.11 -23.80
N GLU D 6 16.59 -0.03 -23.09
CA GLU D 6 16.24 -1.31 -23.73
C GLU D 6 14.71 -1.47 -23.80
N SER D 7 14.25 -2.29 -24.74
CA SER D 7 12.86 -2.66 -24.92
C SER D 7 12.79 -4.00 -25.65
N GLY D 8 11.60 -4.62 -25.65
CA GLY D 8 11.37 -5.87 -26.36
C GLY D 8 11.20 -7.10 -25.50
N GLY D 9 11.56 -7.00 -24.22
CA GLY D 9 11.44 -8.12 -23.29
C GLY D 9 10.03 -8.67 -23.18
N GLY D 10 9.91 -9.98 -22.93
CA GLY D 10 8.61 -10.63 -22.78
C GLY D 10 8.68 -12.12 -22.56
N LEU D 11 7.52 -12.78 -22.77
CA LEU D 11 7.29 -14.22 -22.61
C LEU D 11 7.45 -14.96 -23.93
N VAL D 12 8.34 -15.96 -23.98
CA VAL D 12 8.61 -16.73 -25.21
C VAL D 12 8.58 -18.22 -24.90
N GLN D 13 8.06 -19.01 -25.83
CA GLN D 13 8.06 -20.46 -25.70
C GLN D 13 9.46 -20.99 -26.05
N PRO D 14 9.96 -22.10 -25.45
CA PRO D 14 11.27 -22.64 -25.84
C PRO D 14 11.34 -22.92 -27.35
N GLY D 15 12.46 -22.56 -27.96
CA GLY D 15 12.64 -22.72 -29.40
C GLY D 15 12.20 -21.49 -30.18
N GLY D 16 11.52 -20.58 -29.51
CA GLY D 16 11.02 -19.35 -30.09
C GLY D 16 12.08 -18.28 -30.33
N SER D 17 11.66 -17.20 -30.97
CA SER D 17 12.50 -16.06 -31.30
C SER D 17 11.97 -14.78 -30.65
N LEU D 18 12.88 -13.85 -30.37
CA LEU D 18 12.56 -12.54 -29.82
C LEU D 18 13.67 -11.57 -30.16
N SER D 19 13.31 -10.33 -30.41
CA SER D 19 14.28 -9.29 -30.75
C SER D 19 14.23 -8.17 -29.69
N LEU D 20 15.40 -7.83 -29.13
CA LEU D 20 15.50 -6.75 -28.16
C LEU D 20 16.13 -5.57 -28.85
N SER D 21 15.77 -4.36 -28.44
CA SER D 21 16.35 -3.16 -29.00
C SER D 21 16.88 -2.30 -27.87
N CYS D 22 17.85 -1.44 -28.18
CA CYS D 22 18.42 -0.51 -27.22
C CYS D 22 18.63 0.84 -27.89
N ALA D 23 17.81 1.81 -27.51
CA ALA D 23 17.91 3.18 -28.06
C ALA D 23 19.00 3.95 -27.32
N ALA D 24 20.03 4.38 -28.08
CA ALA D 24 21.16 5.12 -27.54
C ALA D 24 21.14 6.59 -27.94
N SER D 25 21.56 7.47 -27.01
CA SER D 25 21.66 8.92 -27.22
C SER D 25 22.74 9.53 -26.31
N GLY D 26 23.15 10.76 -26.60
CA GLY D 26 24.12 11.50 -25.80
C GLY D 26 25.59 11.25 -26.10
N PHE D 27 25.89 10.52 -27.19
CA PHE D 27 27.27 10.21 -27.61
C PHE D 27 27.30 9.85 -29.08
N THR D 28 28.51 9.81 -29.67
CA THR D 28 28.69 9.43 -31.08
C THR D 28 28.67 7.91 -31.13
N PHE D 29 27.49 7.35 -31.41
CA PHE D 29 27.20 5.93 -31.47
C PHE D 29 28.25 5.09 -32.18
N THR D 30 28.59 5.47 -33.43
CA THR D 30 29.55 4.78 -34.30
C THR D 30 30.98 4.72 -33.76
N ASP D 31 31.35 5.61 -32.83
CA ASP D 31 32.68 5.66 -32.21
C ASP D 31 32.85 4.58 -31.15
N TYR D 32 31.74 4.05 -30.63
CA TYR D 32 31.79 3.12 -29.53
C TYR D 32 31.37 1.71 -29.82
N TYR D 33 32.03 0.78 -29.11
CA TYR D 33 31.66 -0.63 -29.14
C TYR D 33 30.44 -0.70 -28.23
N MET D 34 29.50 -1.58 -28.56
CA MET D 34 28.28 -1.78 -27.77
C MET D 34 28.20 -3.24 -27.39
N THR D 35 27.48 -3.53 -26.31
CA THR D 35 27.45 -4.86 -25.76
C THR D 35 26.06 -5.22 -25.22
N TRP D 36 25.79 -6.53 -25.08
CA TRP D 36 24.64 -7.07 -24.38
C TRP D 36 25.20 -7.93 -23.24
N VAL D 37 24.66 -7.73 -22.04
CA VAL D 37 25.01 -8.47 -20.83
C VAL D 37 23.67 -8.88 -20.23
N ARG D 38 23.60 -10.10 -19.68
CA ARG D 38 22.36 -10.55 -19.03
C ARG D 38 22.60 -10.97 -17.59
N GLN D 39 21.52 -11.03 -16.83
CA GLN D 39 21.60 -11.47 -15.45
C GLN D 39 20.36 -12.29 -15.08
N PRO D 40 20.49 -13.64 -14.99
CA PRO D 40 19.34 -14.47 -14.56
C PRO D 40 18.96 -14.12 -13.11
N PRO D 41 17.69 -14.32 -12.68
CA PRO D 41 17.32 -13.97 -11.30
C PRO D 41 18.26 -14.57 -10.23
N GLY D 42 18.72 -13.69 -9.32
CA GLY D 42 19.63 -14.02 -8.22
C GLY D 42 20.98 -14.58 -8.61
N LYS D 43 21.40 -14.41 -9.87
CA LYS D 43 22.67 -14.94 -10.37
C LYS D 43 23.63 -13.84 -10.84
N ALA D 44 24.86 -14.22 -11.24
CA ALA D 44 25.85 -13.24 -11.69
C ALA D 44 25.58 -12.73 -13.10
N LEU D 45 26.25 -11.63 -13.43
CA LEU D 45 26.19 -11.00 -14.74
C LEU D 45 26.95 -11.88 -15.73
N GLU D 46 26.48 -11.93 -16.96
CA GLU D 46 27.10 -12.70 -18.02
C GLU D 46 27.21 -11.90 -19.30
N TRP D 47 28.44 -11.70 -19.79
CA TRP D 47 28.65 -11.01 -21.07
C TRP D 47 28.22 -11.98 -22.18
N LEU D 48 27.45 -11.47 -23.16
CA LEU D 48 26.91 -12.28 -24.26
C LEU D 48 27.44 -11.96 -25.63
N ALA D 49 27.49 -10.67 -25.98
CA ALA D 49 27.82 -10.25 -27.32
C ALA D 49 28.37 -8.85 -27.34
N LEU D 50 29.22 -8.57 -28.31
CA LEU D 50 29.76 -7.26 -28.55
C LEU D 50 29.69 -6.92 -30.02
N ILE D 51 29.62 -5.62 -30.31
CA ILE D 51 29.67 -5.13 -31.67
C ILE D 51 30.63 -3.96 -31.67
N ARG D 52 31.64 -4.02 -32.52
CA ARG D 52 32.69 -3.00 -32.56
C ARG D 52 32.24 -1.71 -33.22
N ASN D 53 33.06 -0.69 -33.10
CA ASN D 53 32.79 0.62 -33.70
C ASN D 53 33.13 0.61 -35.21
N LYS D 54 32.92 1.76 -35.86
CA LYS D 54 33.17 2.01 -37.28
C LYS D 54 34.60 1.65 -37.70
N ALA D 55 35.61 2.12 -36.93
CA ALA D 55 37.04 1.90 -37.14
C ALA D 55 37.43 0.42 -37.24
N SER D 56 36.74 -0.43 -36.47
CA SER D 56 36.98 -1.86 -36.40
C SER D 56 36.07 -2.66 -37.35
N GLY D 57 35.35 -1.94 -38.20
CA GLY D 57 34.45 -2.50 -39.20
C GLY D 57 33.16 -3.11 -38.68
N TYR D 58 32.73 -2.71 -37.46
CA TYR D 58 31.52 -3.20 -36.78
C TYR D 58 31.46 -4.72 -36.64
N THR D 59 32.63 -5.36 -36.40
CA THR D 59 32.71 -6.82 -36.24
C THR D 59 32.08 -7.24 -34.93
N THR D 60 31.76 -8.53 -34.82
CA THR D 60 31.08 -9.05 -33.65
C THR D 60 31.83 -10.18 -32.95
N GLU D 61 31.49 -10.44 -31.69
CA GLU D 61 31.99 -11.53 -30.87
C GLU D 61 30.85 -11.98 -29.99
N TYR D 62 30.82 -13.26 -29.66
CA TYR D 62 29.75 -13.81 -28.85
C TYR D 62 30.33 -14.76 -27.83
N SER D 63 29.61 -14.93 -26.71
CA SER D 63 29.96 -15.93 -25.71
C SER D 63 29.53 -17.27 -26.31
N ALA D 64 30.17 -18.37 -25.88
CA ALA D 64 29.86 -19.73 -26.34
C ALA D 64 28.41 -20.11 -26.00
N SER D 65 27.83 -19.51 -24.93
CA SER D 65 26.47 -19.76 -24.49
C SER D 65 25.40 -19.31 -25.52
N VAL D 66 25.71 -18.29 -26.36
CA VAL D 66 24.75 -17.75 -27.34
C VAL D 66 25.17 -17.85 -28.81
N LYS D 67 26.42 -18.24 -29.09
CA LYS D 67 26.94 -18.37 -30.45
C LYS D 67 26.07 -19.28 -31.30
N GLY D 68 25.73 -18.82 -32.51
CA GLY D 68 24.91 -19.56 -33.45
C GLY D 68 23.42 -19.35 -33.24
N ARG D 69 23.01 -18.76 -32.09
CA ARG D 69 21.59 -18.54 -31.79
C ARG D 69 21.26 -17.06 -31.76
N PHE D 70 22.17 -16.25 -31.23
CA PHE D 70 21.93 -14.81 -31.08
C PHE D 70 22.75 -14.00 -32.07
N THR D 71 22.19 -12.89 -32.55
CA THR D 71 22.87 -11.97 -33.46
C THR D 71 22.78 -10.56 -32.91
N ILE D 72 23.93 -9.91 -32.75
CA ILE D 72 24.00 -8.53 -32.32
C ILE D 72 24.13 -7.70 -33.62
N SER D 73 23.38 -6.60 -33.71
CA SER D 73 23.38 -5.69 -34.85
C SER D 73 23.14 -4.28 -34.37
N ARG D 74 23.44 -3.30 -35.22
CA ARG D 74 23.27 -1.90 -34.89
C ARG D 74 22.74 -1.13 -36.08
N ASP D 75 21.86 -0.17 -35.81
CA ASP D 75 21.34 0.75 -36.79
C ASP D 75 22.10 2.04 -36.51
N ASN D 76 23.10 2.35 -37.36
CA ASN D 76 23.96 3.52 -37.23
C ASN D 76 23.32 4.83 -37.66
N SER D 77 22.17 4.74 -38.35
CA SER D 77 21.43 5.93 -38.76
C SER D 77 20.49 6.39 -37.65
N GLN D 78 19.96 5.44 -36.85
CA GLN D 78 19.03 5.72 -35.76
C GLN D 78 19.63 5.60 -34.34
N SER D 79 20.89 5.17 -34.23
CA SER D 79 21.61 4.95 -32.94
C SER D 79 20.87 3.90 -32.07
N ILE D 80 20.50 2.78 -32.69
CA ILE D 80 19.80 1.69 -32.02
C ILE D 80 20.64 0.44 -32.09
N LEU D 81 20.70 -0.29 -30.98
CA LEU D 81 21.39 -1.57 -30.88
C LEU D 81 20.33 -2.65 -30.77
N TYR D 82 20.53 -3.78 -31.46
CA TYR D 82 19.57 -4.90 -31.44
C TYR D 82 20.22 -6.19 -30.98
N LEU D 83 19.39 -7.12 -30.50
CA LEU D 83 19.77 -8.47 -30.13
C LEU D 83 18.68 -9.37 -30.67
N GLN D 84 18.98 -10.09 -31.74
CA GLN D 84 18.06 -11.03 -32.39
C GLN D 84 18.33 -12.37 -31.70
N MET D 85 17.33 -12.93 -31.04
CA MET D 85 17.50 -14.18 -30.29
C MET D 85 16.67 -15.30 -30.91
N ASN D 86 17.33 -16.34 -31.44
CA ASN D 86 16.62 -17.50 -31.97
C ASN D 86 16.88 -18.70 -31.10
N ALA D 87 16.11 -19.79 -31.29
CA ALA D 87 16.24 -21.04 -30.54
C ALA D 87 16.35 -20.77 -29.02
N LEU D 88 15.41 -19.97 -28.48
CA LEU D 88 15.45 -19.63 -27.06
C LEU D 88 15.23 -20.84 -26.16
N ARG D 89 15.91 -20.87 -25.03
CA ARG D 89 15.81 -21.92 -24.01
C ARG D 89 15.63 -21.31 -22.62
N ALA D 90 15.12 -22.11 -21.67
CA ALA D 90 14.83 -21.69 -20.30
C ALA D 90 15.96 -20.91 -19.61
N GLU D 91 17.23 -21.32 -19.83
CA GLU D 91 18.39 -20.64 -19.22
C GLU D 91 18.68 -19.27 -19.83
N ASP D 92 17.96 -18.91 -20.92
CA ASP D 92 18.08 -17.55 -21.49
C ASP D 92 17.21 -16.57 -20.72
N SER D 93 16.33 -17.07 -19.79
CA SER D 93 15.49 -16.22 -18.93
C SER D 93 16.37 -15.35 -18.03
N ALA D 94 16.27 -14.01 -18.19
CA ALA D 94 17.13 -13.08 -17.45
C ALA D 94 16.70 -11.66 -17.71
N THR D 95 17.33 -10.73 -17.00
CA THR D 95 17.21 -9.33 -17.31
C THR D 95 18.38 -9.09 -18.27
N TYR D 96 18.09 -8.42 -19.39
CA TYR D 96 19.06 -8.12 -20.42
C TYR D 96 19.40 -6.67 -20.41
N TYR D 97 20.70 -6.37 -20.35
CA TYR D 97 21.20 -5.00 -20.38
C TYR D 97 22.00 -4.76 -21.63
N CYS D 98 21.83 -3.57 -22.18
CA CYS D 98 22.62 -3.11 -23.28
C CYS D 98 23.67 -2.17 -22.64
N THR D 99 24.92 -2.24 -23.09
CA THR D 99 25.97 -1.45 -22.48
C THR D 99 26.83 -0.75 -23.54
N ARG D 100 27.48 0.34 -23.12
CA ARG D 100 28.47 1.02 -23.92
C ARG D 100 29.85 0.65 -23.33
N ALA D 101 30.86 0.48 -24.16
CA ALA D 101 32.20 0.23 -23.63
C ALA D 101 33.03 1.52 -23.70
N LYS D 102 33.82 1.80 -22.66
CA LYS D 102 34.60 3.03 -22.54
C LYS D 102 35.78 3.11 -23.51
N TRP D 103 36.65 2.11 -23.50
CA TRP D 103 37.89 2.08 -24.28
C TRP D 103 37.93 0.96 -25.29
N ASP D 104 37.44 1.23 -26.51
CA ASP D 104 37.37 0.26 -27.60
C ASP D 104 36.98 -1.17 -27.14
N GLY D 105 35.80 -1.30 -26.53
CA GLY D 105 35.32 -2.59 -26.05
C GLY D 105 35.56 -2.86 -24.57
N HIS D 106 36.55 -2.19 -23.99
CA HIS D 106 36.87 -2.41 -22.58
C HIS D 106 36.13 -1.46 -21.66
N TYR D 107 35.61 -2.03 -20.54
CA TYR D 107 35.00 -1.34 -19.40
C TYR D 107 33.61 -0.78 -19.70
N PHE D 108 32.58 -1.44 -19.16
CA PHE D 108 31.18 -1.06 -19.44
C PHE D 108 30.75 0.13 -18.59
N ASP D 109 30.95 1.34 -19.14
CA ASP D 109 30.75 2.62 -18.45
C ASP D 109 29.30 3.11 -18.33
N TYR D 110 28.43 2.72 -19.26
CA TYR D 110 27.00 3.06 -19.25
C TYR D 110 26.18 1.82 -19.51
N TRP D 111 25.11 1.64 -18.73
CA TRP D 111 24.21 0.51 -18.81
C TRP D 111 22.79 1.04 -18.88
N GLY D 112 21.93 0.31 -19.58
CA GLY D 112 20.51 0.68 -19.66
C GLY D 112 19.81 0.18 -18.42
N GLN D 113 18.51 0.41 -18.31
CA GLN D 113 17.75 -0.02 -17.14
C GLN D 113 17.41 -1.52 -17.14
N GLY D 114 17.58 -2.16 -18.30
CA GLY D 114 17.32 -3.58 -18.49
C GLY D 114 15.94 -3.90 -19.00
N THR D 115 15.81 -5.06 -19.66
CA THR D 115 14.54 -5.61 -20.15
C THR D 115 14.50 -7.09 -19.76
N THR D 116 13.33 -7.57 -19.34
CA THR D 116 13.18 -8.95 -18.85
C THR D 116 12.64 -9.91 -19.89
N LEU D 117 13.31 -11.06 -20.02
CA LEU D 117 12.91 -12.16 -20.90
C LEU D 117 12.60 -13.39 -20.04
N THR D 118 11.47 -14.06 -20.32
CA THR D 118 11.09 -15.31 -19.70
C THR D 118 10.85 -16.35 -20.81
N VAL D 119 11.62 -17.44 -20.79
CA VAL D 119 11.49 -18.52 -21.77
C VAL D 119 10.90 -19.70 -21.00
N SER D 120 9.67 -20.09 -21.38
CA SER D 120 8.99 -21.18 -20.70
C SER D 120 7.87 -21.77 -21.54
N SER D 121 7.53 -23.03 -21.27
CA SER D 121 6.42 -23.73 -21.92
C SER D 121 5.13 -23.47 -21.17
N ALA D 122 5.23 -22.88 -19.94
CA ALA D 122 4.06 -22.55 -19.13
C ALA D 122 3.23 -21.49 -19.85
N LYS D 123 1.93 -21.62 -19.71
CA LYS D 123 0.97 -20.67 -20.30
C LYS D 123 0.62 -19.69 -19.19
N THR D 124 0.12 -18.49 -19.54
CA THR D 124 -0.30 -17.52 -18.55
C THR D 124 -1.39 -18.18 -17.66
N THR D 125 -1.13 -18.24 -16.35
CA THR D 125 -1.99 -18.93 -15.38
C THR D 125 -2.20 -18.05 -14.16
N ALA D 126 -3.48 -17.91 -13.74
CA ALA D 126 -3.81 -17.15 -12.54
C ALA D 126 -3.47 -18.06 -11.33
N PRO D 127 -3.05 -17.48 -10.20
CA PRO D 127 -2.68 -18.33 -9.06
C PRO D 127 -3.88 -18.83 -8.29
N SER D 128 -3.66 -19.88 -7.49
CA SER D 128 -4.61 -20.33 -6.49
C SER D 128 -4.11 -19.62 -5.25
N VAL D 129 -5.02 -19.12 -4.43
CA VAL D 129 -4.66 -18.37 -3.24
C VAL D 129 -5.21 -19.13 -2.04
N TYR D 130 -4.34 -19.48 -1.10
CA TYR D 130 -4.73 -20.24 0.08
C TYR D 130 -4.55 -19.45 1.38
N PRO D 131 -5.60 -19.36 2.20
CA PRO D 131 -5.46 -18.66 3.48
C PRO D 131 -4.71 -19.49 4.53
N LEU D 132 -3.76 -18.87 5.26
CA LEU D 132 -3.00 -19.55 6.30
C LEU D 132 -3.39 -18.96 7.65
N ALA D 133 -4.34 -19.64 8.33
CA ALA D 133 -4.82 -19.26 9.64
C ALA D 133 -3.97 -19.99 10.71
N PRO D 134 -3.79 -19.43 11.92
CA PRO D 134 -2.97 -20.11 12.93
C PRO D 134 -3.53 -21.46 13.34
N VAL D 135 -2.66 -22.27 13.94
CA VAL D 135 -2.96 -23.57 14.52
C VAL D 135 -4.06 -23.32 15.59
N CYS D 136 -5.25 -23.89 15.34
CA CYS D 136 -6.48 -23.83 16.14
C CYS D 136 -6.35 -23.82 17.69
N SER D 142 -0.33 -12.08 22.76
CA SER D 142 0.46 -10.87 22.46
C SER D 142 0.25 -10.48 21.01
N SER D 143 0.82 -11.24 20.06
CA SER D 143 0.66 -11.01 18.64
C SER D 143 0.24 -12.30 17.91
N VAL D 144 -0.43 -12.14 16.77
CA VAL D 144 -0.89 -13.22 15.91
C VAL D 144 -0.32 -13.04 14.50
N THR D 145 0.14 -14.13 13.89
CA THR D 145 0.66 -14.13 12.52
C THR D 145 -0.29 -14.91 11.64
N LEU D 146 -0.68 -14.31 10.50
CA LEU D 146 -1.52 -14.92 9.48
C LEU D 146 -0.68 -15.03 8.23
N GLY D 147 -1.13 -15.84 7.29
CA GLY D 147 -0.41 -16.03 6.05
C GLY D 147 -1.28 -16.15 4.83
N CYS D 148 -0.62 -16.15 3.69
CA CYS D 148 -1.24 -16.24 2.39
C CYS D 148 -0.29 -16.96 1.48
N LEU D 149 -0.74 -18.07 0.89
CA LEU D 149 0.06 -18.86 -0.04
C LEU D 149 -0.51 -18.70 -1.43
N VAL D 150 0.32 -18.18 -2.35
CA VAL D 150 -0.05 -17.91 -3.74
C VAL D 150 0.67 -18.93 -4.60
N LYS D 151 -0.07 -19.93 -5.09
CA LYS D 151 0.51 -21.05 -5.79
C LYS D 151 0.02 -21.24 -7.22
N GLY D 152 0.96 -21.59 -8.10
CA GLY D 152 0.66 -21.95 -9.48
C GLY D 152 0.35 -20.83 -10.46
N TYR D 153 1.12 -19.73 -10.40
CA TYR D 153 0.93 -18.64 -11.34
C TYR D 153 2.08 -18.53 -12.31
N PHE D 154 1.77 -17.88 -13.45
CA PHE D 154 2.72 -17.63 -14.51
C PHE D 154 2.19 -16.56 -15.46
N PRO D 155 3.04 -15.61 -15.89
CA PRO D 155 4.43 -15.37 -15.44
C PRO D 155 4.44 -14.53 -14.16
N GLU D 156 5.62 -14.13 -13.74
CA GLU D 156 5.83 -13.18 -12.66
C GLU D 156 5.49 -11.78 -13.25
N PRO D 157 5.08 -10.79 -12.44
CA PRO D 157 4.90 -10.83 -10.99
C PRO D 157 3.43 -10.96 -10.57
N VAL D 158 3.23 -11.03 -9.26
CA VAL D 158 1.94 -10.89 -8.58
C VAL D 158 2.18 -9.76 -7.59
N THR D 159 1.13 -9.02 -7.25
CA THR D 159 1.24 -8.02 -6.21
C THR D 159 0.35 -8.50 -5.09
N LEU D 160 0.86 -8.51 -3.88
CA LEU D 160 0.09 -8.97 -2.73
C LEU D 160 0.00 -7.85 -1.70
N THR D 161 -1.24 -7.57 -1.24
CA THR D 161 -1.48 -6.58 -0.20
C THR D 161 -2.37 -7.23 0.84
N TRP D 162 -2.41 -6.63 2.02
CA TRP D 162 -3.24 -7.07 3.13
C TRP D 162 -4.18 -5.94 3.43
N ASN D 163 -5.50 -6.25 3.45
CA ASN D 163 -6.56 -5.26 3.68
C ASN D 163 -6.40 -4.04 2.77
N SER D 164 -6.19 -4.30 1.47
CA SER D 164 -6.04 -3.32 0.39
C SER D 164 -4.92 -2.29 0.63
N GLY D 165 -3.83 -2.73 1.23
CA GLY D 165 -2.67 -1.91 1.50
C GLY D 165 -2.72 -1.14 2.81
N SER D 166 -3.82 -1.27 3.58
CA SER D 166 -3.93 -0.59 4.87
C SER D 166 -3.01 -1.22 5.91
N LEU D 167 -2.64 -2.50 5.70
CA LEU D 167 -1.70 -3.21 6.61
C LEU D 167 -0.37 -3.38 5.87
N SER D 168 0.75 -2.80 6.38
CA SER D 168 2.06 -2.91 5.73
C SER D 168 3.21 -3.15 6.67
N SER D 169 3.21 -2.51 7.84
CA SER D 169 4.32 -2.66 8.77
C SER D 169 4.75 -4.07 9.26
N GLY D 170 3.81 -4.92 9.66
CA GLY D 170 4.10 -6.30 10.11
C GLY D 170 4.05 -7.34 9.00
N VAL D 171 4.15 -6.90 7.74
CA VAL D 171 4.07 -7.74 6.54
C VAL D 171 5.44 -8.17 6.01
N HIS D 172 5.58 -9.46 5.66
CA HIS D 172 6.76 -9.97 4.98
C HIS D 172 6.27 -10.73 3.76
N THR D 173 6.59 -10.25 2.56
CA THR D 173 6.23 -10.89 1.30
C THR D 173 7.51 -11.47 0.73
N PHE D 174 7.54 -12.79 0.59
CA PHE D 174 8.72 -13.52 0.16
C PHE D 174 8.88 -13.63 -1.35
N PRO D 175 10.13 -13.60 -1.85
CA PRO D 175 10.34 -13.79 -3.31
C PRO D 175 9.75 -15.13 -3.77
N ALA D 176 9.18 -15.11 -4.98
CA ALA D 176 8.58 -16.28 -5.63
C ALA D 176 9.64 -17.32 -5.92
N VAL D 177 9.23 -18.58 -5.82
CA VAL D 177 10.08 -19.72 -6.13
C VAL D 177 9.39 -20.51 -7.26
N LEU D 178 10.21 -21.12 -8.11
CA LEU D 178 9.71 -21.96 -9.20
C LEU D 178 9.38 -23.33 -8.64
N GLN D 179 8.13 -23.73 -8.77
CA GLN D 179 7.61 -25.02 -8.31
C GLN D 179 6.65 -25.58 -9.36
N SER D 180 6.94 -26.79 -9.86
CA SER D 180 6.16 -27.47 -10.91
C SER D 180 5.99 -26.59 -12.17
N ASP D 181 7.08 -25.88 -12.56
CA ASP D 181 7.16 -24.96 -13.72
C ASP D 181 6.22 -23.74 -13.65
N LEU D 182 5.78 -23.43 -12.43
CA LEU D 182 4.94 -22.29 -12.12
C LEU D 182 5.54 -21.63 -10.88
N TYR D 183 5.06 -20.43 -10.56
CA TYR D 183 5.59 -19.71 -9.39
C TYR D 183 4.73 -19.88 -8.19
N THR D 184 5.38 -19.92 -7.02
CA THR D 184 4.75 -20.00 -5.72
C THR D 184 5.37 -18.93 -4.83
N LEU D 185 4.53 -18.19 -4.13
CA LEU D 185 5.01 -17.20 -3.18
C LEU D 185 4.18 -17.21 -1.93
N SER D 186 4.73 -16.70 -0.83
CA SER D 186 3.99 -16.59 0.42
C SER D 186 4.19 -15.22 1.05
N SER D 187 3.27 -14.84 1.91
CA SER D 187 3.34 -13.60 2.66
C SER D 187 2.78 -13.82 4.05
N SER D 188 3.38 -13.16 5.04
CA SER D 188 2.89 -13.22 6.42
C SER D 188 2.52 -11.81 6.86
N VAL D 189 1.55 -11.71 7.75
CA VAL D 189 1.14 -10.45 8.37
C VAL D 189 1.07 -10.69 9.87
N THR D 190 1.82 -9.89 10.65
CA THR D 190 1.83 -10.02 12.10
C THR D 190 1.07 -8.84 12.67
N VAL D 191 0.04 -9.14 13.47
CA VAL D 191 -0.82 -8.10 14.06
C VAL D 191 -1.03 -8.38 15.56
N THR D 192 -1.54 -7.41 16.34
CA THR D 192 -1.77 -7.63 17.78
C THR D 192 -2.90 -8.64 17.96
N SER D 193 -2.83 -9.47 19.02
CA SER D 193 -3.82 -10.52 19.28
C SER D 193 -5.28 -10.05 19.37
N SER D 194 -5.49 -8.77 19.76
CA SER D 194 -6.81 -8.14 19.86
C SER D 194 -7.37 -7.77 18.48
N THR D 195 -6.51 -7.69 17.45
CA THR D 195 -6.91 -7.33 16.08
C THR D 195 -7.71 -8.45 15.39
N TRP D 196 -7.19 -9.68 15.39
CA TRP D 196 -7.80 -10.81 14.70
C TRP D 196 -8.10 -11.96 15.69
N PRO D 197 -9.24 -12.68 15.59
CA PRO D 197 -10.30 -12.65 14.54
C PRO D 197 -11.37 -11.57 14.59
N SER D 198 -11.40 -10.72 15.65
CA SER D 198 -12.42 -9.65 15.81
C SER D 198 -12.52 -8.73 14.59
N GLN D 199 -11.37 -8.36 14.00
CA GLN D 199 -11.32 -7.55 12.77
C GLN D 199 -10.97 -8.43 11.58
N SER D 200 -11.54 -8.08 10.43
CA SER D 200 -11.36 -8.78 9.17
C SER D 200 -9.96 -8.55 8.60
N ILE D 201 -9.26 -9.63 8.21
CA ILE D 201 -7.95 -9.56 7.56
C ILE D 201 -8.04 -10.37 6.28
N THR D 202 -7.83 -9.69 5.13
CA THR D 202 -7.92 -10.27 3.80
C THR D 202 -6.61 -10.14 3.05
N CYS D 203 -6.24 -11.21 2.35
CA CYS D 203 -5.10 -11.26 1.45
C CYS D 203 -5.62 -10.84 0.08
N ASN D 204 -5.03 -9.81 -0.53
CA ASN D 204 -5.45 -9.34 -1.87
C ASN D 204 -4.33 -9.65 -2.85
N VAL D 205 -4.62 -10.49 -3.85
CA VAL D 205 -3.61 -10.88 -4.84
C VAL D 205 -4.00 -10.37 -6.22
N ALA D 206 -3.10 -9.67 -6.88
CA ALA D 206 -3.33 -9.21 -8.24
C ALA D 206 -2.28 -9.85 -9.15
N HIS D 207 -2.73 -10.46 -10.25
CA HIS D 207 -1.87 -11.08 -11.25
C HIS D 207 -2.17 -10.36 -12.57
N PRO D 208 -1.44 -9.25 -12.85
CA PRO D 208 -1.71 -8.45 -14.06
C PRO D 208 -1.69 -9.19 -15.39
N ALA D 209 -0.78 -10.19 -15.56
CA ALA D 209 -0.68 -10.92 -16.82
C ALA D 209 -1.92 -11.72 -17.18
N SER D 210 -2.68 -12.16 -16.18
CA SER D 210 -3.94 -12.88 -16.44
C SER D 210 -5.14 -11.97 -16.14
N SER D 211 -4.91 -10.67 -15.83
CA SER D 211 -5.92 -9.66 -15.45
C SER D 211 -6.86 -10.21 -14.35
N THR D 212 -6.25 -10.75 -13.29
CA THR D 212 -6.97 -11.37 -12.16
C THR D 212 -6.70 -10.66 -10.85
N LYS D 213 -7.74 -10.59 -10.01
CA LYS D 213 -7.69 -10.08 -8.65
C LYS D 213 -8.39 -11.12 -7.79
N VAL D 214 -7.71 -11.59 -6.75
CA VAL D 214 -8.26 -12.56 -5.79
C VAL D 214 -8.18 -11.94 -4.38
N ASP D 215 -9.30 -12.02 -3.62
CA ASP D 215 -9.41 -11.57 -2.25
C ASP D 215 -9.74 -12.80 -1.43
N LYS D 216 -8.88 -13.09 -0.45
CA LYS D 216 -9.05 -14.24 0.44
C LYS D 216 -9.09 -13.77 1.87
N LYS D 217 -10.28 -13.82 2.48
CA LYS D 217 -10.44 -13.45 3.88
C LYS D 217 -9.86 -14.59 4.72
N ILE D 218 -9.06 -14.25 5.73
CA ILE D 218 -8.48 -15.26 6.62
C ILE D 218 -9.48 -15.57 7.71
N GLU D 219 -10.00 -16.80 7.71
CA GLU D 219 -10.98 -17.27 8.69
C GLU D 219 -10.30 -18.16 9.74
N PRO D 220 -10.72 -18.12 11.03
CA PRO D 220 -10.11 -19.05 12.01
C PRO D 220 -10.41 -20.51 11.67
N ARG D 221 -9.46 -21.43 12.00
CA ARG D 221 -9.61 -22.87 11.71
C ARG D 221 -10.78 -23.47 12.45
N MET E 1 -51.19 18.05 16.89
CA MET E 1 -50.14 17.55 17.77
C MET E 1 -50.27 16.05 17.99
N SER E 2 -49.31 15.30 17.45
CA SER E 2 -49.25 13.85 17.54
C SER E 2 -48.54 13.44 18.82
N TYR E 3 -49.04 12.39 19.49
CA TYR E 3 -48.41 11.85 20.70
C TYR E 3 -47.98 10.42 20.44
N SER E 4 -46.94 9.97 21.13
CA SER E 4 -46.45 8.60 21.02
C SER E 4 -47.44 7.66 21.72
N MET E 5 -47.32 6.36 21.48
CA MET E 5 -48.13 5.37 22.19
C MET E 5 -47.29 5.03 23.44
N CYS E 6 -47.92 4.98 24.64
CA CYS E 6 -47.18 4.62 25.86
C CYS E 6 -46.69 3.18 25.71
N THR E 7 -45.41 2.95 25.94
CA THR E 7 -44.77 1.63 25.80
C THR E 7 -44.62 0.88 27.13
N GLY E 8 -44.61 1.63 28.24
CA GLY E 8 -44.35 1.10 29.56
C GLY E 8 -45.54 0.60 30.35
N LYS E 9 -45.28 0.28 31.62
CA LYS E 9 -46.24 -0.27 32.56
C LYS E 9 -47.13 0.76 33.22
N PHE E 10 -48.35 0.34 33.56
CA PHE E 10 -49.36 1.13 34.26
C PHE E 10 -49.68 0.48 35.60
N LYS E 11 -50.15 1.28 36.56
CA LYS E 11 -50.52 0.82 37.89
C LYS E 11 -51.85 1.46 38.26
N VAL E 12 -52.76 0.67 38.86
CA VAL E 12 -54.06 1.14 39.32
C VAL E 12 -53.81 1.88 40.66
N VAL E 13 -54.11 3.19 40.70
CA VAL E 13 -53.90 4.08 41.86
C VAL E 13 -54.82 3.74 43.04
N LYS E 14 -56.11 3.52 42.76
CA LYS E 14 -57.15 3.23 43.76
C LYS E 14 -58.16 2.22 43.22
N GLU E 15 -59.08 1.73 44.08
CA GLU E 15 -60.10 0.79 43.66
C GLU E 15 -60.97 1.38 42.53
N ILE E 16 -61.28 0.55 41.53
CA ILE E 16 -62.11 0.93 40.38
C ILE E 16 -63.49 1.37 40.86
N ALA E 17 -63.89 2.60 40.51
CA ALA E 17 -65.16 3.19 40.88
C ALA E 17 -66.24 2.82 39.87
N GLU E 18 -67.44 2.45 40.37
CA GLU E 18 -68.61 2.12 39.56
C GLU E 18 -69.54 3.32 39.60
N THR E 19 -70.03 3.76 38.44
CA THR E 19 -70.96 4.87 38.38
C THR E 19 -72.40 4.31 38.35
N GLN E 20 -73.40 5.15 38.62
CA GLN E 20 -74.78 4.71 38.57
C GLN E 20 -75.29 4.49 37.16
N HIS E 21 -74.57 4.99 36.14
CA HIS E 21 -74.96 4.85 34.74
C HIS E 21 -74.28 3.68 33.99
N GLY E 22 -73.91 2.65 34.73
CA GLY E 22 -73.30 1.44 34.19
C GLY E 22 -71.93 1.59 33.58
N THR E 23 -71.12 2.53 34.08
CA THR E 23 -69.74 2.71 33.62
C THR E 23 -68.77 2.51 34.80
N ILE E 24 -67.49 2.42 34.49
CA ILE E 24 -66.44 2.26 35.50
C ILE E 24 -65.39 3.32 35.29
N VAL E 25 -64.77 3.80 36.37
CA VAL E 25 -63.70 4.78 36.30
C VAL E 25 -62.46 4.15 36.92
N ILE E 26 -61.41 4.02 36.11
CA ILE E 26 -60.12 3.42 36.52
C ILE E 26 -59.09 4.53 36.56
N ARG E 27 -58.43 4.71 37.71
CA ARG E 27 -57.41 5.73 37.90
C ARG E 27 -56.05 5.05 37.81
N VAL E 28 -55.32 5.32 36.71
CA VAL E 28 -54.01 4.71 36.44
C VAL E 28 -52.83 5.66 36.58
N GLN E 29 -51.66 5.09 36.91
CA GLN E 29 -50.38 5.79 37.06
C GLN E 29 -49.41 5.18 36.07
N TYR E 30 -48.73 6.02 35.27
CA TYR E 30 -47.76 5.51 34.29
C TYR E 30 -46.38 5.37 34.91
N GLU E 31 -45.68 4.27 34.61
CA GLU E 31 -44.34 4.00 35.14
C GLU E 31 -43.24 4.03 34.07
N GLY E 32 -43.64 4.09 32.80
CA GLY E 32 -42.71 4.03 31.69
C GLY E 32 -42.17 5.34 31.15
N ASP E 33 -41.72 5.27 29.89
CA ASP E 33 -41.09 6.37 29.17
C ASP E 33 -42.00 6.93 28.08
N GLY E 34 -41.64 8.11 27.58
CA GLY E 34 -42.38 8.70 26.47
C GLY E 34 -43.56 9.62 26.75
N SER E 35 -43.84 9.97 28.03
CA SER E 35 -44.91 10.92 28.34
C SER E 35 -44.57 12.29 27.71
N PRO E 36 -45.53 13.04 27.10
CA PRO E 36 -46.97 12.73 26.94
C PRO E 36 -47.22 11.63 25.92
N CYS E 37 -47.99 10.61 26.30
CA CYS E 37 -48.25 9.47 25.44
C CYS E 37 -49.67 8.92 25.59
N LYS E 38 -50.16 8.21 24.55
CA LYS E 38 -51.50 7.62 24.52
C LYS E 38 -51.54 6.35 25.33
N ILE E 39 -52.58 6.21 26.15
CA ILE E 39 -52.78 5.01 26.95
C ILE E 39 -53.43 3.90 26.11
N PRO E 40 -52.71 2.77 25.85
CA PRO E 40 -53.35 1.66 25.14
C PRO E 40 -54.42 1.07 26.06
N PHE E 41 -55.66 1.00 25.57
CA PHE E 41 -56.78 0.54 26.36
C PHE E 41 -57.76 -0.27 25.50
N GLU E 42 -58.25 -1.38 26.04
CA GLU E 42 -59.23 -2.23 25.36
C GLU E 42 -60.00 -3.07 26.37
N ILE E 43 -61.32 -3.19 26.15
CA ILE E 43 -62.18 -4.08 26.95
C ILE E 43 -62.52 -5.23 26.02
N MET E 44 -62.08 -6.44 26.41
CA MET E 44 -62.24 -7.62 25.56
C MET E 44 -62.92 -8.79 26.28
N ASP E 45 -63.20 -9.87 25.53
CA ASP E 45 -63.71 -11.12 26.08
C ASP E 45 -62.55 -11.83 26.80
N LEU E 46 -62.85 -12.82 27.66
CA LEU E 46 -61.84 -13.57 28.41
C LEU E 46 -60.82 -14.31 27.54
N GLU E 47 -61.18 -14.58 26.26
CA GLU E 47 -60.34 -15.23 25.26
C GLU E 47 -59.43 -14.24 24.54
N LYS E 48 -59.59 -12.91 24.82
CA LYS E 48 -58.83 -11.78 24.26
C LYS E 48 -58.88 -11.72 22.73
N ARG E 49 -60.02 -12.11 22.13
CA ARG E 49 -60.15 -12.11 20.67
C ARG E 49 -61.14 -11.09 20.10
N HIS E 50 -62.19 -10.70 20.86
CA HIS E 50 -63.15 -9.68 20.42
C HIS E 50 -63.22 -8.49 21.36
N VAL E 51 -63.44 -7.29 20.80
CA VAL E 51 -63.62 -6.04 21.56
C VAL E 51 -65.09 -6.05 22.01
N LEU E 52 -65.33 -5.98 23.33
CA LEU E 52 -66.68 -6.02 23.89
C LEU E 52 -67.14 -4.69 24.47
N GLY E 53 -66.28 -4.07 25.25
CA GLY E 53 -66.60 -2.83 25.92
C GLY E 53 -66.44 -1.59 25.08
N ARG E 54 -66.78 -0.46 25.69
CA ARG E 54 -66.71 0.85 25.09
C ARG E 54 -65.92 1.75 26.01
N LEU E 55 -64.98 2.48 25.43
CA LEU E 55 -64.21 3.51 26.13
C LEU E 55 -65.05 4.80 26.07
N ILE E 56 -65.24 5.47 27.22
CA ILE E 56 -65.98 6.74 27.31
C ILE E 56 -65.00 7.93 27.23
N THR E 57 -63.87 7.84 27.97
CA THR E 57 -62.83 8.87 27.94
C THR E 57 -62.30 9.04 26.52
N VAL E 58 -62.29 10.29 26.04
CA VAL E 58 -61.80 10.65 24.71
C VAL E 58 -60.29 10.74 24.77
N ASN E 59 -59.61 9.89 23.98
CA ASN E 59 -58.15 9.83 23.82
C ASN E 59 -57.40 9.84 25.17
N PRO E 60 -57.44 8.74 25.97
CA PRO E 60 -56.72 8.77 27.25
C PRO E 60 -55.22 8.97 27.00
N ILE E 61 -54.67 10.02 27.62
CA ILE E 61 -53.27 10.42 27.46
C ILE E 61 -52.64 10.68 28.82
N VAL E 62 -51.37 10.27 28.99
CA VAL E 62 -50.56 10.55 30.18
C VAL E 62 -49.94 11.94 29.86
N THR E 63 -50.38 13.01 30.53
CA THR E 63 -49.86 14.37 30.31
C THR E 63 -48.48 14.50 30.94
N GLU E 64 -48.35 13.99 32.15
CA GLU E 64 -47.14 13.93 32.95
C GLU E 64 -47.17 12.62 33.71
N LYS E 65 -46.05 11.90 33.70
CA LYS E 65 -45.85 10.62 34.39
C LYS E 65 -46.25 10.69 35.87
N ASP E 66 -46.02 11.84 36.52
CA ASP E 66 -46.33 12.11 37.93
C ASP E 66 -47.82 12.29 38.25
N SER E 67 -48.64 12.59 37.24
CA SER E 67 -50.07 12.80 37.42
C SER E 67 -50.93 11.59 36.95
N PRO E 68 -51.75 10.99 37.85
CA PRO E 68 -52.61 9.85 37.42
C PRO E 68 -53.69 10.27 36.42
N VAL E 69 -54.20 9.30 35.66
CA VAL E 69 -55.22 9.53 34.63
C VAL E 69 -56.49 8.73 34.94
N ASN E 70 -57.65 9.40 34.91
CA ASN E 70 -58.95 8.74 35.08
C ASN E 70 -59.43 8.21 33.74
N ILE E 71 -59.70 6.92 33.65
CA ILE E 71 -60.22 6.31 32.43
C ILE E 71 -61.64 5.81 32.68
N GLU E 72 -62.63 6.42 32.01
CA GLU E 72 -64.01 5.98 32.12
C GLU E 72 -64.33 5.05 30.94
N ALA E 73 -64.88 3.87 31.25
CA ALA E 73 -65.23 2.85 30.26
C ALA E 73 -66.55 2.19 30.62
N GLU E 74 -67.23 1.62 29.61
CA GLU E 74 -68.51 0.93 29.78
C GLU E 74 -68.31 -0.55 29.48
N PRO E 75 -68.17 -1.41 30.51
CA PRO E 75 -67.94 -2.84 30.24
C PRO E 75 -69.22 -3.54 29.80
N PRO E 76 -69.14 -4.68 29.07
CA PRO E 76 -70.37 -5.42 28.73
C PRO E 76 -70.90 -6.15 29.98
N PHE E 77 -72.16 -6.63 29.94
CA PHE E 77 -72.69 -7.41 31.06
C PHE E 77 -71.95 -8.75 31.08
N GLY E 78 -71.74 -9.28 32.29
CA GLY E 78 -71.01 -10.53 32.49
C GLY E 78 -69.51 -10.33 32.61
N ASP E 79 -68.74 -11.34 32.18
CA ASP E 79 -67.26 -11.35 32.26
C ASP E 79 -66.57 -10.63 31.11
N SER E 80 -65.56 -9.82 31.45
CA SER E 80 -64.72 -9.10 30.48
C SER E 80 -63.33 -8.81 31.05
N TYR E 81 -62.39 -8.55 30.14
CA TYR E 81 -61.00 -8.21 30.45
C TYR E 81 -60.76 -6.74 30.15
N ILE E 82 -60.21 -6.00 31.12
CA ILE E 82 -59.79 -4.61 30.94
C ILE E 82 -58.30 -4.73 30.66
N ILE E 83 -57.88 -4.39 29.44
CA ILE E 83 -56.49 -4.52 29.03
C ILE E 83 -55.86 -3.14 28.91
N ILE E 84 -54.92 -2.82 29.81
CA ILE E 84 -54.25 -1.51 29.86
C ILE E 84 -52.76 -1.63 29.55
N GLY E 85 -52.33 -0.86 28.55
CA GLY E 85 -50.95 -0.83 28.09
C GLY E 85 -50.60 -1.92 27.09
N VAL E 86 -49.34 -1.93 26.65
CA VAL E 86 -48.80 -2.93 25.73
C VAL E 86 -47.95 -3.92 26.54
N GLU E 87 -47.62 -5.09 25.96
CA GLU E 87 -46.75 -6.07 26.59
C GLU E 87 -45.30 -5.58 26.52
N PRO E 88 -44.41 -5.88 27.50
CA PRO E 88 -44.61 -6.72 28.70
C PRO E 88 -45.24 -5.96 29.88
N GLY E 89 -45.72 -6.72 30.87
CA GLY E 89 -46.33 -6.16 32.07
C GLY E 89 -47.64 -5.42 31.86
N GLN E 90 -48.36 -5.80 30.81
CA GLN E 90 -49.66 -5.26 30.43
C GLN E 90 -50.68 -5.62 31.53
N LEU E 91 -51.45 -4.62 32.02
CA LEU E 91 -52.49 -4.83 33.03
C LEU E 91 -53.66 -5.58 32.39
N LYS E 92 -54.02 -6.75 32.95
CA LYS E 92 -55.14 -7.56 32.46
C LYS E 92 -56.08 -7.74 33.64
N LEU E 93 -57.05 -6.82 33.76
CA LEU E 93 -57.99 -6.78 34.88
C LEU E 93 -59.31 -7.48 34.59
N ASN E 94 -59.64 -8.47 35.44
CA ASN E 94 -60.91 -9.21 35.35
C ASN E 94 -62.02 -8.28 35.82
N TRP E 95 -63.14 -8.27 35.09
CA TRP E 95 -64.30 -7.47 35.46
C TRP E 95 -65.61 -8.21 35.31
N PHE E 96 -66.47 -8.09 36.32
CA PHE E 96 -67.80 -8.70 36.28
C PHE E 96 -68.88 -7.66 36.55
N LYS E 97 -69.75 -7.45 35.55
CA LYS E 97 -70.86 -6.51 35.58
C LYS E 97 -72.15 -7.28 35.70
N ASP F 1 39.71 -20.29 -21.59
CA ASP F 1 39.01 -19.17 -20.95
C ASP F 1 39.58 -18.87 -19.56
N ILE F 2 39.31 -17.66 -19.04
CA ILE F 2 39.75 -17.19 -17.72
C ILE F 2 38.56 -17.09 -16.78
N GLN F 3 38.66 -17.69 -15.60
CA GLN F 3 37.57 -17.58 -14.62
C GLN F 3 37.92 -16.59 -13.50
N MET F 4 36.91 -15.85 -13.04
CA MET F 4 37.06 -14.83 -12.00
C MET F 4 36.38 -15.30 -10.73
N THR F 5 37.12 -15.28 -9.61
CA THR F 5 36.60 -15.68 -8.31
C THR F 5 36.69 -14.52 -7.32
N GLN F 6 35.59 -14.23 -6.64
CA GLN F 6 35.51 -13.15 -5.66
C GLN F 6 35.42 -13.66 -4.24
N SER F 7 36.00 -12.91 -3.29
CA SER F 7 35.99 -13.24 -1.87
C SER F 7 35.85 -11.97 -1.01
N PRO F 8 35.07 -12.02 0.09
CA PRO F 8 34.20 -13.13 0.51
C PRO F 8 32.89 -13.11 -0.30
N ALA F 9 32.05 -14.14 -0.20
CA ALA F 9 30.79 -14.15 -0.95
C ALA F 9 29.86 -13.06 -0.40
N SER F 10 29.96 -12.80 0.91
CA SER F 10 29.15 -11.85 1.63
C SER F 10 29.93 -11.32 2.81
N LEU F 11 29.65 -10.08 3.24
CA LEU F 11 30.31 -9.43 4.37
C LEU F 11 29.39 -8.35 4.93
N SER F 12 29.23 -8.35 6.27
CA SER F 12 28.37 -7.43 6.97
C SER F 12 29.24 -6.44 7.72
N VAL F 13 29.11 -5.17 7.36
CA VAL F 13 29.94 -4.11 7.88
C VAL F 13 29.10 -2.94 8.40
N SER F 14 29.75 -2.11 9.26
CA SER F 14 29.15 -0.88 9.77
C SER F 14 29.59 0.35 8.93
N VAL F 15 28.75 1.38 8.91
CA VAL F 15 29.02 2.66 8.26
C VAL F 15 30.27 3.31 8.97
N GLY F 16 31.22 3.83 8.18
CA GLY F 16 32.44 4.44 8.69
C GLY F 16 33.65 3.51 8.65
N GLU F 17 33.39 2.18 8.56
CA GLU F 17 34.48 1.20 8.50
C GLU F 17 35.10 1.16 7.11
N THR F 18 36.35 0.68 7.02
CA THR F 18 37.06 0.51 5.76
C THR F 18 37.00 -0.97 5.40
N VAL F 19 36.66 -1.27 4.13
CA VAL F 19 36.50 -2.65 3.68
C VAL F 19 37.34 -2.89 2.44
N THR F 20 37.88 -4.09 2.33
CA THR F 20 38.64 -4.56 1.19
C THR F 20 38.05 -5.87 0.72
N ILE F 21 37.73 -5.95 -0.58
CA ILE F 21 37.18 -7.16 -1.18
C ILE F 21 38.12 -7.57 -2.29
N THR F 22 38.20 -8.87 -2.56
CA THR F 22 39.18 -9.34 -3.55
C THR F 22 38.59 -10.09 -4.72
N CYS F 23 39.35 -10.10 -5.82
CA CYS F 23 39.01 -10.76 -7.06
C CYS F 23 40.27 -11.50 -7.51
N ARG F 24 40.12 -12.72 -8.00
CA ARG F 24 41.23 -13.53 -8.47
C ARG F 24 40.93 -14.03 -9.88
N ALA F 25 41.91 -13.94 -10.79
CA ALA F 25 41.80 -14.44 -12.15
C ALA F 25 42.58 -15.77 -12.26
N THR F 26 42.09 -16.74 -13.08
CA THR F 26 42.79 -18.03 -13.23
C THR F 26 44.09 -17.90 -14.01
N LYS F 27 44.23 -16.82 -14.78
CA LYS F 27 45.41 -16.55 -15.62
C LYS F 27 45.77 -15.08 -15.55
N ASN F 28 47.03 -14.73 -15.86
CA ASN F 28 47.54 -13.35 -15.88
C ASN F 28 46.71 -12.46 -16.86
N ILE F 29 46.16 -11.34 -16.34
CA ILE F 29 45.38 -10.38 -17.12
C ILE F 29 45.97 -8.98 -17.03
N TYR F 30 47.19 -8.87 -16.46
CA TYR F 30 47.88 -7.60 -16.17
C TYR F 30 46.91 -6.71 -15.40
N ASN F 31 46.53 -5.53 -15.92
CA ASN F 31 45.57 -4.69 -15.21
C ASN F 31 44.23 -4.54 -15.94
N ASN F 32 43.91 -5.46 -16.87
CA ASN F 32 42.66 -5.41 -17.66
C ASN F 32 41.51 -5.92 -16.79
N LEU F 33 41.10 -5.10 -15.83
CA LEU F 33 40.11 -5.49 -14.83
C LEU F 33 39.20 -4.34 -14.48
N ALA F 34 37.90 -4.63 -14.34
CA ALA F 34 36.92 -3.64 -13.94
C ALA F 34 36.17 -4.09 -12.70
N TRP F 35 35.70 -3.14 -11.92
CA TRP F 35 34.86 -3.36 -10.74
C TRP F 35 33.54 -2.63 -11.01
N TYR F 36 32.43 -3.29 -10.68
CA TYR F 36 31.08 -2.73 -10.84
C TYR F 36 30.32 -2.82 -9.53
N GLN F 37 29.39 -1.88 -9.34
CA GLN F 37 28.52 -1.89 -8.19
C GLN F 37 27.10 -2.10 -8.72
N GLN F 38 26.33 -2.92 -8.02
CA GLN F 38 24.93 -3.13 -8.35
C GLN F 38 24.11 -3.12 -7.09
N LYS F 39 23.19 -2.15 -7.00
CA LYS F 39 22.29 -2.04 -5.84
C LYS F 39 20.99 -2.74 -6.16
N GLN F 40 20.30 -3.23 -5.12
CA GLN F 40 19.04 -3.97 -5.22
C GLN F 40 18.05 -3.31 -6.18
N GLY F 41 17.66 -4.07 -7.20
CA GLY F 41 16.69 -3.67 -8.21
C GLY F 41 17.17 -2.65 -9.23
N ARG F 42 18.49 -2.43 -9.35
CA ARG F 42 19.06 -1.43 -10.25
C ARG F 42 20.13 -1.97 -11.20
N SER F 43 20.48 -1.19 -12.22
CA SER F 43 21.51 -1.53 -13.19
C SER F 43 22.90 -1.48 -12.57
N PRO F 44 23.84 -2.34 -13.02
CA PRO F 44 25.22 -2.24 -12.56
C PRO F 44 25.80 -0.88 -12.97
N GLN F 45 26.79 -0.40 -12.22
CA GLN F 45 27.49 0.85 -12.51
C GLN F 45 28.99 0.59 -12.44
N LEU F 46 29.76 1.13 -13.38
CA LEU F 46 31.22 1.03 -13.42
C LEU F 46 31.83 1.84 -12.26
N LEU F 47 32.72 1.21 -11.46
CA LEU F 47 33.40 1.90 -10.37
C LEU F 47 34.86 2.15 -10.70
N VAL F 48 35.56 1.08 -11.11
CA VAL F 48 36.99 1.06 -11.40
C VAL F 48 37.28 0.37 -12.71
N TYR F 49 38.21 0.92 -13.51
CA TYR F 49 38.61 0.34 -14.79
C TYR F 49 40.14 0.36 -14.89
N ALA F 50 40.73 -0.60 -15.64
CA ALA F 50 42.18 -0.76 -15.79
C ALA F 50 42.82 -0.95 -14.39
N ALA F 51 42.07 -1.70 -13.52
CA ALA F 51 42.42 -2.07 -12.14
C ALA F 51 42.44 -0.95 -11.11
N THR F 52 42.85 0.28 -11.49
CA THR F 52 43.06 1.41 -10.55
C THR F 52 42.37 2.74 -10.88
N ASN F 53 41.85 2.93 -12.13
CA ASN F 53 41.20 4.20 -12.49
C ASN F 53 39.78 4.29 -11.95
N LEU F 54 39.42 5.42 -11.34
CA LEU F 54 38.06 5.64 -10.86
C LEU F 54 37.21 6.12 -12.02
N ALA F 55 36.00 5.52 -12.19
CA ALA F 55 35.08 5.94 -13.24
C ALA F 55 34.50 7.32 -12.89
N ASP F 56 34.00 8.05 -13.90
CA ASP F 56 33.45 9.40 -13.73
C ASP F 56 32.33 9.45 -12.68
N GLY F 57 32.48 10.33 -11.69
CA GLY F 57 31.50 10.51 -10.62
C GLY F 57 31.58 9.55 -9.45
N VAL F 58 32.51 8.59 -9.48
CA VAL F 58 32.70 7.61 -8.40
C VAL F 58 33.47 8.31 -7.25
N PRO F 59 33.01 8.23 -5.98
CA PRO F 59 33.74 8.88 -4.89
C PRO F 59 35.17 8.37 -4.72
N SER F 60 36.10 9.27 -4.36
CA SER F 60 37.51 8.93 -4.17
C SER F 60 37.78 8.01 -2.97
N ARG F 61 36.73 7.70 -2.18
CA ARG F 61 36.84 6.76 -1.06
C ARG F 61 37.00 5.32 -1.60
N PHE F 62 36.66 5.10 -2.90
CA PHE F 62 36.85 3.83 -3.59
C PHE F 62 38.26 3.80 -4.16
N SER F 63 38.95 2.66 -4.05
CA SER F 63 40.27 2.49 -4.66
C SER F 63 40.47 1.04 -5.08
N GLY F 64 40.96 0.87 -6.29
CA GLY F 64 41.25 -0.44 -6.84
C GLY F 64 42.75 -0.67 -6.85
N SER F 65 43.17 -1.92 -6.64
CA SER F 65 44.59 -2.28 -6.63
C SER F 65 44.80 -3.62 -7.28
N GLY F 66 46.03 -3.86 -7.72
CA GLY F 66 46.43 -5.14 -8.28
C GLY F 66 46.79 -5.15 -9.74
N SER F 67 47.57 -6.17 -10.11
CA SER F 67 48.01 -6.46 -11.46
C SER F 67 48.37 -7.94 -11.52
N GLY F 68 47.97 -8.60 -12.58
CA GLY F 68 48.28 -10.01 -12.77
C GLY F 68 47.08 -10.92 -12.55
N THR F 69 47.02 -11.53 -11.36
CA THR F 69 45.92 -12.46 -11.01
C THR F 69 45.16 -12.03 -9.74
N GLN F 70 45.73 -11.12 -8.92
CA GLN F 70 45.13 -10.71 -7.65
C GLN F 70 44.79 -9.25 -7.60
N PHE F 71 43.51 -8.95 -7.36
CA PHE F 71 42.95 -7.60 -7.38
C PHE F 71 42.17 -7.33 -6.13
N SER F 72 42.13 -6.06 -5.73
CA SER F 72 41.42 -5.61 -4.52
C SER F 72 40.64 -4.35 -4.76
N LEU F 73 39.45 -4.28 -4.14
CA LEU F 73 38.65 -3.09 -4.14
C LEU F 73 38.52 -2.64 -2.68
N ARG F 74 39.00 -1.43 -2.40
CA ARG F 74 38.95 -0.87 -1.06
C ARG F 74 37.97 0.29 -1.00
N ILE F 75 37.12 0.30 0.03
CA ILE F 75 36.18 1.39 0.30
C ILE F 75 36.58 1.98 1.66
N ASN F 76 37.08 3.21 1.64
CA ASN F 76 37.51 3.96 2.84
C ASN F 76 36.29 4.67 3.44
N SER F 77 36.05 4.53 4.77
CA SER F 77 34.93 5.15 5.51
C SER F 77 33.65 5.05 4.72
N LEU F 78 33.21 3.81 4.54
CA LEU F 78 32.06 3.42 3.75
C LEU F 78 30.74 4.05 4.25
N GLN F 79 29.88 4.40 3.30
CA GLN F 79 28.58 5.06 3.56
C GLN F 79 27.43 4.15 3.22
N SER F 80 26.20 4.50 3.67
CA SER F 80 24.96 3.74 3.46
C SER F 80 24.68 3.41 1.98
N GLU F 81 25.01 4.34 1.09
CA GLU F 81 24.86 4.19 -0.36
C GLU F 81 25.84 3.16 -0.98
N ASP F 82 26.86 2.71 -0.22
CA ASP F 82 27.86 1.74 -0.71
C ASP F 82 27.42 0.31 -0.47
N PHE F 83 26.33 0.08 0.28
CA PHE F 83 25.85 -1.30 0.46
C PHE F 83 25.17 -1.82 -0.81
N GLY F 84 25.52 -3.04 -1.18
CA GLY F 84 25.01 -3.70 -2.39
C GLY F 84 25.96 -4.76 -2.91
N ASN F 85 25.85 -5.09 -4.21
CA ASN F 85 26.68 -6.11 -4.84
C ASN F 85 27.83 -5.51 -5.60
N TYR F 86 28.95 -6.23 -5.59
CA TYR F 86 30.18 -5.84 -6.25
C TYR F 86 30.69 -6.96 -7.12
N TYR F 87 30.92 -6.65 -8.40
CA TYR F 87 31.41 -7.61 -9.38
C TYR F 87 32.71 -7.15 -9.98
N CYS F 88 33.62 -8.10 -10.26
CA CYS F 88 34.83 -7.82 -11.01
C CYS F 88 34.63 -8.46 -12.40
N GLN F 89 35.34 -7.98 -13.42
CA GLN F 89 35.25 -8.50 -14.79
C GLN F 89 36.60 -8.32 -15.48
N HIS F 90 37.07 -9.35 -16.17
CA HIS F 90 38.35 -9.21 -16.90
C HIS F 90 38.10 -8.70 -18.30
N PHE F 91 39.12 -8.04 -18.88
CA PHE F 91 39.11 -7.56 -20.25
C PHE F 91 40.33 -8.03 -21.01
N TRP F 92 40.59 -9.35 -20.90
CA TRP F 92 41.64 -10.00 -21.66
C TRP F 92 40.97 -10.45 -22.98
N HIS F 93 41.14 -11.68 -23.41
CA HIS F 93 40.44 -12.12 -24.62
C HIS F 93 39.03 -12.53 -24.24
N THR F 94 38.07 -12.38 -25.17
CA THR F 94 36.69 -12.81 -24.98
C THR F 94 36.64 -14.33 -24.71
N PRO F 95 35.72 -14.85 -23.85
CA PRO F 95 34.65 -14.14 -23.13
C PRO F 95 35.17 -13.31 -21.95
N TRP F 96 34.60 -12.12 -21.78
CA TRP F 96 34.96 -11.22 -20.70
C TRP F 96 34.12 -11.58 -19.48
N THR F 97 34.60 -12.57 -18.75
CA THR F 97 33.88 -13.15 -17.62
C THR F 97 33.86 -12.31 -16.35
N PHE F 98 32.73 -12.38 -15.66
CA PHE F 98 32.51 -11.68 -14.41
C PHE F 98 32.77 -12.64 -13.24
N GLY F 99 33.11 -12.09 -12.08
CA GLY F 99 33.22 -12.87 -10.86
C GLY F 99 31.81 -13.18 -10.39
N GLY F 100 31.68 -14.05 -9.40
CA GLY F 100 30.37 -14.43 -8.86
C GLY F 100 29.71 -13.36 -7.99
N GLY F 101 30.48 -12.32 -7.64
CA GLY F 101 30.00 -11.22 -6.81
C GLY F 101 30.31 -11.33 -5.33
N THR F 102 30.36 -10.17 -4.65
CA THR F 102 30.53 -10.02 -3.21
C THR F 102 29.38 -9.10 -2.78
N LYS F 103 28.59 -9.54 -1.80
CA LYS F 103 27.46 -8.77 -1.31
C LYS F 103 27.90 -8.04 -0.05
N LEU F 104 27.82 -6.71 -0.08
CA LEU F 104 28.18 -5.88 1.08
C LEU F 104 26.89 -5.51 1.84
N GLU F 105 26.74 -6.05 3.07
CA GLU F 105 25.51 -5.90 3.87
C GLU F 105 25.71 -5.14 5.15
N ILE F 106 24.60 -4.69 5.78
CA ILE F 106 24.61 -3.88 7.00
C ILE F 106 24.71 -4.74 8.24
N LYS F 107 25.71 -4.41 9.07
CA LYS F 107 25.90 -5.05 10.36
C LYS F 107 24.97 -4.36 11.36
N ARG F 108 24.30 -5.16 12.19
CA ARG F 108 23.44 -4.66 13.26
C ARG F 108 23.47 -5.65 14.44
N ALA F 109 22.79 -5.34 15.55
CA ALA F 109 22.73 -6.23 16.71
C ALA F 109 21.95 -7.51 16.39
N ASP F 110 22.21 -8.58 17.15
CA ASP F 110 21.54 -9.85 16.98
C ASP F 110 20.04 -9.72 17.26
N ALA F 111 19.24 -10.52 16.55
CA ALA F 111 17.79 -10.57 16.71
C ALA F 111 17.38 -12.01 16.46
N ALA F 112 16.69 -12.60 17.43
CA ALA F 112 16.23 -13.98 17.32
C ALA F 112 15.02 -14.02 16.38
N PRO F 113 14.82 -15.06 15.55
CA PRO F 113 13.65 -15.07 14.66
C PRO F 113 12.31 -15.25 15.39
N THR F 114 11.25 -14.68 14.79
CA THR F 114 9.87 -14.87 15.23
C THR F 114 9.38 -16.01 14.33
N VAL F 115 9.24 -17.22 14.91
CA VAL F 115 8.87 -18.45 14.20
C VAL F 115 7.36 -18.72 14.29
N SER F 116 6.72 -18.94 13.12
CA SER F 116 5.29 -19.25 13.02
C SER F 116 5.07 -20.42 12.05
N ILE F 117 4.33 -21.45 12.49
CA ILE F 117 4.01 -22.63 11.70
C ILE F 117 2.55 -22.65 11.28
N PHE F 118 2.29 -23.04 10.03
CA PHE F 118 0.94 -23.07 9.50
C PHE F 118 0.61 -24.39 8.86
N PRO F 119 -0.46 -25.06 9.34
CA PRO F 119 -0.92 -26.30 8.69
C PRO F 119 -1.44 -25.98 7.29
N PRO F 120 -1.48 -26.93 6.33
CA PRO F 120 -2.11 -26.60 5.04
C PRO F 120 -3.55 -26.12 5.23
N SER F 121 -3.96 -25.22 4.37
CA SER F 121 -5.31 -24.70 4.32
C SER F 121 -6.20 -25.87 3.86
N SER F 122 -7.41 -26.00 4.40
CA SER F 122 -8.30 -27.09 3.94
C SER F 122 -8.67 -26.92 2.45
N GLU F 123 -8.63 -25.67 1.96
CA GLU F 123 -8.89 -25.32 0.56
C GLU F 123 -7.83 -25.95 -0.34
N GLN F 124 -6.56 -25.94 0.09
CA GLN F 124 -5.47 -26.56 -0.65
C GLN F 124 -5.63 -28.08 -0.72
N LEU F 125 -6.03 -28.73 0.40
CA LEU F 125 -6.19 -30.18 0.47
C LEU F 125 -7.09 -30.77 -0.63
N THR F 126 -8.12 -30.00 -1.05
CA THR F 126 -9.04 -30.37 -2.13
C THR F 126 -8.33 -30.57 -3.47
N SER F 127 -7.17 -29.90 -3.68
CA SER F 127 -6.34 -30.02 -4.88
C SER F 127 -5.45 -31.28 -4.88
N GLY F 128 -5.33 -31.96 -3.74
CA GLY F 128 -4.51 -33.16 -3.59
C GLY F 128 -3.11 -32.89 -3.06
N GLY F 129 -2.83 -31.61 -2.80
CA GLY F 129 -1.55 -31.16 -2.29
C GLY F 129 -1.69 -30.56 -0.91
N ALA F 130 -0.59 -30.60 -0.13
CA ALA F 130 -0.57 -30.06 1.22
C ALA F 130 0.76 -29.39 1.49
N SER F 131 0.74 -28.06 1.61
CA SER F 131 1.94 -27.27 1.90
C SER F 131 1.91 -26.84 3.37
N VAL F 132 2.93 -27.21 4.11
CA VAL F 132 3.08 -26.80 5.52
C VAL F 132 4.06 -25.62 5.44
N VAL F 133 3.66 -24.46 5.96
CA VAL F 133 4.47 -23.24 5.87
C VAL F 133 5.04 -22.82 7.24
N CYS F 134 6.32 -22.44 7.24
CA CYS F 134 6.99 -21.96 8.44
C CYS F 134 7.65 -20.61 8.11
N PHE F 135 7.24 -19.54 8.83
CA PHE F 135 7.83 -18.21 8.68
C PHE F 135 8.78 -17.97 9.82
N LEU F 136 10.00 -17.53 9.49
CA LEU F 136 11.07 -17.22 10.44
C LEU F 136 11.38 -15.76 10.16
N ASN F 137 10.76 -14.87 10.93
CA ASN F 137 10.83 -13.43 10.67
C ASN F 137 11.73 -12.59 11.56
N ASN F 138 12.27 -11.52 10.96
CA ASN F 138 13.08 -10.45 11.58
C ASN F 138 14.27 -10.92 12.41
N PHE F 139 15.14 -11.74 11.81
CA PHE F 139 16.32 -12.24 12.49
C PHE F 139 17.62 -11.62 11.95
N TYR F 140 18.66 -11.68 12.77
CA TYR F 140 20.00 -11.20 12.45
C TYR F 140 21.02 -11.95 13.34
N PRO F 141 22.15 -12.50 12.82
CA PRO F 141 22.63 -12.50 11.42
C PRO F 141 21.80 -13.35 10.45
N LYS F 142 22.12 -13.23 9.15
CA LYS F 142 21.41 -13.92 8.05
C LYS F 142 21.47 -15.43 8.07
N ASP F 143 22.54 -16.00 8.65
CA ASP F 143 22.77 -17.43 8.75
C ASP F 143 21.71 -18.08 9.63
N ILE F 144 20.99 -19.05 9.08
CA ILE F 144 19.93 -19.78 9.77
C ILE F 144 19.77 -21.16 9.12
N ASN F 145 19.37 -22.14 9.92
CA ASN F 145 19.11 -23.48 9.42
C ASN F 145 17.75 -23.93 9.88
N VAL F 146 16.94 -24.41 8.93
CA VAL F 146 15.59 -24.91 9.21
C VAL F 146 15.58 -26.41 8.96
N LYS F 147 15.03 -27.14 9.94
CA LYS F 147 14.89 -28.59 9.94
C LYS F 147 13.39 -28.88 10.05
N TRP F 148 12.86 -29.69 9.13
CA TRP F 148 11.45 -30.11 9.16
C TRP F 148 11.38 -31.49 9.77
N LYS F 149 10.44 -31.70 10.69
CA LYS F 149 10.23 -32.99 11.34
C LYS F 149 8.78 -33.41 11.25
N ILE F 150 8.55 -34.66 10.82
CA ILE F 150 7.21 -35.24 10.75
C ILE F 150 7.27 -36.48 11.64
N ASP F 151 6.49 -36.48 12.75
CA ASP F 151 6.41 -37.56 13.74
C ASP F 151 7.80 -37.90 14.32
N GLY F 152 8.57 -36.86 14.60
CA GLY F 152 9.90 -36.93 15.20
C GLY F 152 11.06 -37.13 14.23
N SER F 153 10.78 -37.56 12.97
CA SER F 153 11.83 -37.81 11.97
C SER F 153 12.05 -36.68 10.99
N GLU F 154 13.33 -36.33 10.73
CA GLU F 154 13.73 -35.27 9.81
C GLU F 154 13.24 -35.55 8.39
N ARG F 155 12.75 -34.51 7.72
CA ARG F 155 12.28 -34.53 6.33
C ARG F 155 13.10 -33.57 5.52
N GLN F 156 13.63 -34.04 4.39
CA GLN F 156 14.49 -33.23 3.51
C GLN F 156 13.90 -32.99 2.12
N ASN F 157 13.16 -33.97 1.57
CA ASN F 157 12.49 -33.83 0.29
C ASN F 157 11.17 -33.06 0.42
N GLY F 158 10.83 -32.28 -0.61
CA GLY F 158 9.63 -31.46 -0.67
C GLY F 158 9.77 -30.10 0.01
N VAL F 159 11.00 -29.72 0.38
CA VAL F 159 11.26 -28.43 1.06
C VAL F 159 11.67 -27.32 0.09
N LEU F 160 10.89 -26.23 0.08
CA LEU F 160 11.19 -25.04 -0.72
C LEU F 160 11.33 -23.83 0.19
N ASN F 161 12.50 -23.19 0.12
CA ASN F 161 12.85 -22.04 0.95
C ASN F 161 12.98 -20.77 0.13
N SER F 162 12.59 -19.64 0.73
CA SER F 162 12.70 -18.32 0.13
C SER F 162 13.16 -17.35 1.21
N TRP F 163 14.14 -16.49 0.88
CA TRP F 163 14.71 -15.50 1.81
C TRP F 163 14.48 -14.10 1.28
N THR F 164 14.10 -13.17 2.16
CA THR F 164 13.99 -11.77 1.75
C THR F 164 15.41 -11.18 1.73
N ASP F 165 15.59 -10.05 1.03
CA ASP F 165 16.87 -9.33 1.09
C ASP F 165 16.84 -8.58 2.42
N GLN F 166 17.99 -8.08 2.87
CA GLN F 166 18.07 -7.34 4.13
C GLN F 166 17.03 -6.21 4.16
N ASP F 167 16.21 -6.18 5.23
CA ASP F 167 15.13 -5.20 5.41
C ASP F 167 15.65 -3.75 5.44
N SER F 168 15.02 -2.85 4.67
CA SER F 168 15.42 -1.45 4.58
C SER F 168 15.24 -0.63 5.85
N LYS F 169 14.29 -1.03 6.72
CA LYS F 169 13.99 -0.33 7.96
C LYS F 169 14.74 -0.83 9.17
N ASP F 170 14.72 -2.14 9.44
CA ASP F 170 15.39 -2.69 10.63
C ASP F 170 16.67 -3.52 10.38
N SER F 171 17.11 -3.68 9.10
CA SER F 171 18.31 -4.42 8.68
C SER F 171 18.28 -5.92 9.03
N THR F 172 17.11 -6.46 9.31
CA THR F 172 16.96 -7.89 9.63
C THR F 172 16.63 -8.66 8.35
N TYR F 173 16.57 -9.98 8.47
CA TYR F 173 16.26 -10.92 7.41
C TYR F 173 15.07 -11.74 7.86
N SER F 174 14.33 -12.27 6.90
CA SER F 174 13.17 -13.13 7.12
C SER F 174 13.27 -14.29 6.13
N MET F 175 12.65 -15.41 6.47
CA MET F 175 12.71 -16.62 5.67
C MET F 175 11.37 -17.35 5.69
N SER F 176 10.96 -17.88 4.54
CA SER F 176 9.76 -18.69 4.44
C SER F 176 10.23 -20.08 4.01
N SER F 177 9.77 -21.11 4.73
CA SER F 177 10.11 -22.50 4.43
C SER F 177 8.81 -23.27 4.26
N THR F 178 8.66 -23.95 3.10
CA THR F 178 7.47 -24.72 2.79
C THR F 178 7.80 -26.19 2.56
N LEU F 179 7.08 -27.07 3.28
CA LEU F 179 7.18 -28.50 3.12
C LEU F 179 5.94 -28.94 2.34
N THR F 180 6.12 -29.38 1.08
CA THR F 180 5.00 -29.83 0.25
C THR F 180 4.94 -31.35 0.17
N LEU F 181 3.76 -31.90 0.47
CA LEU F 181 3.45 -33.34 0.45
C LEU F 181 2.13 -33.51 -0.29
N THR F 182 1.74 -34.76 -0.54
CA THR F 182 0.43 -35.05 -1.11
C THR F 182 -0.56 -35.02 0.07
N LYS F 183 -1.87 -34.84 -0.22
CA LYS F 183 -2.91 -34.86 0.80
C LYS F 183 -2.88 -36.20 1.58
N ASP F 184 -2.77 -37.34 0.86
CA ASP F 184 -2.76 -38.67 1.50
C ASP F 184 -1.59 -38.87 2.47
N GLU F 185 -0.42 -38.35 2.11
CA GLU F 185 0.76 -38.43 2.95
C GLU F 185 0.60 -37.53 4.18
N TYR F 186 0.08 -36.32 3.97
CA TYR F 186 -0.17 -35.37 5.06
C TYR F 186 -1.15 -35.96 6.08
N GLU F 187 -2.18 -36.67 5.61
CA GLU F 187 -3.21 -37.30 6.43
C GLU F 187 -2.77 -38.64 7.06
N ARG F 188 -1.58 -39.12 6.68
CA ARG F 188 -0.96 -40.35 7.19
C ARG F 188 -0.12 -40.05 8.44
N HIS F 189 0.14 -38.76 8.71
CA HIS F 189 0.96 -38.36 9.86
C HIS F 189 0.25 -37.40 10.81
N ASN F 190 0.83 -37.20 12.01
CA ASN F 190 0.19 -36.36 13.02
C ASN F 190 0.96 -35.15 13.49
N SER F 191 2.23 -35.32 13.86
CA SER F 191 3.05 -34.21 14.36
C SER F 191 3.88 -33.55 13.25
N TYR F 192 3.78 -32.21 13.12
CA TYR F 192 4.51 -31.42 12.13
C TYR F 192 5.31 -30.35 12.83
N THR F 193 6.64 -30.38 12.64
CA THR F 193 7.55 -29.47 13.32
C THR F 193 8.52 -28.76 12.38
N CYS F 194 8.74 -27.45 12.64
CA CYS F 194 9.73 -26.63 11.95
C CYS F 194 10.69 -26.14 13.06
N GLU F 195 11.97 -26.57 12.93
CA GLU F 195 13.05 -26.29 13.90
C GLU F 195 14.07 -25.35 13.31
N ALA F 196 14.23 -24.20 13.98
CA ALA F 196 15.13 -23.12 13.58
C ALA F 196 16.40 -23.09 14.42
N THR F 197 17.56 -23.24 13.79
CA THR F 197 18.87 -23.14 14.45
C THR F 197 19.49 -21.80 14.01
N HIS F 198 19.75 -20.91 14.98
CA HIS F 198 20.28 -19.56 14.78
C HIS F 198 21.28 -19.19 15.88
N LYS F 199 22.21 -18.24 15.59
CA LYS F 199 23.25 -17.73 16.49
C LYS F 199 22.73 -17.29 17.87
N THR F 200 21.52 -16.69 17.92
CA THR F 200 20.86 -16.17 19.12
C THR F 200 20.61 -17.17 20.25
N SER F 201 20.66 -18.49 19.94
CA SER F 201 20.48 -19.54 20.96
C SER F 201 21.22 -20.84 20.61
N THR F 202 21.71 -21.54 21.63
CA THR F 202 22.40 -22.84 21.49
C THR F 202 21.31 -23.88 21.16
N SER F 203 20.12 -23.71 21.77
CA SER F 203 18.94 -24.55 21.55
C SER F 203 18.11 -24.06 20.35
N PRO F 204 17.64 -24.97 19.46
CA PRO F 204 16.82 -24.52 18.33
C PRO F 204 15.42 -24.06 18.75
N ILE F 205 14.82 -23.12 17.99
CA ILE F 205 13.46 -22.64 18.22
C ILE F 205 12.52 -23.65 17.54
N VAL F 206 11.65 -24.26 18.33
CA VAL F 206 10.73 -25.30 17.89
C VAL F 206 9.27 -24.82 17.84
N LYS F 207 8.68 -24.86 16.63
CA LYS F 207 7.26 -24.57 16.41
C LYS F 207 6.63 -25.80 15.81
N SER F 208 5.62 -26.30 16.48
CA SER F 208 4.97 -27.54 16.09
C SER F 208 3.46 -27.47 16.18
N PHE F 209 2.81 -28.46 15.55
CA PHE F 209 1.35 -28.65 15.59
C PHE F 209 1.00 -30.10 15.36
N ASN F 210 -0.15 -30.52 15.87
CA ASN F 210 -0.65 -31.86 15.65
C ASN F 210 -1.95 -31.74 14.83
N ARG F 211 -2.13 -32.64 13.85
CA ARG F 211 -3.32 -32.68 12.99
C ARG F 211 -4.57 -32.97 13.85
N ASN F 212 -5.36 -31.93 14.14
CA ASN F 212 -6.58 -32.04 14.97
C ASN F 212 -7.73 -32.80 14.28
C1 GOL G . -39.42 21.00 19.51
O1 GOL G . -39.98 20.02 20.29
C2 GOL G . -37.93 20.80 19.70
O2 GOL G . -37.43 20.00 18.70
C3 GOL G . -37.68 20.09 21.00
O3 GOL G . -37.03 20.93 21.88
C1 GOL H . 7.34 18.23 5.90
O1 GOL H . 7.70 18.39 4.58
C2 GOL H . 8.40 17.30 6.29
O2 GOL H . 7.94 15.97 5.98
C3 GOL H . 8.71 17.66 7.74
O3 GOL H . 8.99 16.51 8.47
C1 GOL I . 8.09 15.03 12.84
O1 GOL I . 7.31 16.10 13.36
C2 GOL I . 8.46 15.36 11.40
O2 GOL I . 8.99 16.69 11.34
C3 GOL I . 7.18 15.26 10.55
O3 GOL I . 6.35 16.43 10.69
C1 GOL J . 26.97 5.16 -5.02
O1 GOL J . 26.65 4.27 -6.09
C2 GOL J . 28.44 5.00 -4.55
O2 GOL J . 28.40 3.95 -3.60
C3 GOL J . 29.40 4.55 -5.68
O3 GOL J . 29.01 5.06 -6.98
#